data_8G3H
#
_entry.id   8G3H
#
_cell.length_a   1.00
_cell.length_b   1.00
_cell.length_c   1.00
_cell.angle_alpha   90.00
_cell.angle_beta   90.00
_cell.angle_gamma   90.00
#
_symmetry.space_group_name_H-M   'P 1'
#
loop_
_entity.id
_entity.type
_entity.pdbx_description
1 polymer 'Methionine synthase'
2 non-polymer 'ZINC ION'
3 non-polymer COBALAMIN
#
_entity_poly.entity_id   1
_entity_poly.type   'polypeptide(L)'
_entity_poly.pdbx_seq_one_letter_code
;MVEVHTCSPGCRHHLGGAGWGDAPLLRLGYNKEARARRFPYLRALSQRVLVFDGAMGTELQKRDLTPEDYGEEAYYGCPE
VLNRTRPDVVREIHLSYLEAGAEVIETNSFGALRHVLAEYGLGEEAEELAYRAARIAKEAAEPYGAFVAGALGPGTKLVS
LGQISWEELFSAYKEAVRGLVRGGVDLILLETAQDILQVRCAVLAAREAMAELGVELPLQVQVTFEATGTMLVGTDEQAA
LAALESLPIDVVGMNCATGPDLMDAKIRYFAQESTRFVACLPNAGLPRNEGGRVVYDLTPEELARWHLKFVTEYGVNAVG
GCCGTGPEHIRKVAEAVGGRPSPVHKTAFPPQVASLYQAVPLRQETSLLLVGERLNATGSKRFRELLFAGDLEGILALAQ
EQVAEGAHVLDLSVAWTGRDELEDMKRVLSKLATGVTVPFMVDSTSPEVMEEALKRLPGRAILNSANLEDGLEKFDRVAS
LAKAHGAALVALAIDEEGMAKTRVKKVEVALRMYERLTEHHGLRPEDLLFDLLTFPITQGDEETRPLARETLLALEELRE
RLPGVGFVLGVSNVSFGLKPKARRVLNSVFLDEARKKGLTAAIVDAGKILPISQIPEEAYALALDLIYDRREGQDPLFAF
IRFFEEHKEVLAEDKEAFQALPVEERLRRRVLEGKRVGLEEDLAEALGRMRPLEIINGPLLEAMKEVGELFGAGKMQLPF
VLQAAEVMKQAVAYLEPHMEKKGEGKGKLVLATVKGDVHDIGKNLVDIILTNNGYTVYNLGIKVPIEEMLKAVDEVKPHA
LGMSGLLVKSTQVMKENLEYMRARGYTLPVILGGAALTRAYVEELRSIYPEVYYAEDAFEGLALMEELTGHRPKDLTLRR
ARTTRKEAPAPRSKPVSPAPDLPRPPFFGVRVEEGLDLATIAHYVNRLALYRGQWGFSRGGLSREEWEAYVKREADPVFR
RLLAEAMAEGWLRPRVLYGFFPVAREGEELWVYSPEGELLEKLRFPRQRGGGISLVDYFRPRFAEPLSDEADWLPGYEEG
ARDVLGVQLVTMGEEPKRKAEALYREGRYQDYLFVHGFAVEMTEALAEYWHKRMRQMWGIAGQDAPEIRRLFQQEYRGAR
YSFGYPACPDLADQAKLDRLMDFSRIGVRLTENYQLDPEHSTSALVVHHPEARYFSVD
;
_entity_poly.pdbx_strand_id   A
#
loop_
_chem_comp.id
_chem_comp.type
_chem_comp.name
_chem_comp.formula
B12 non-polymer COBALAMIN 'C62 H89 Co N13 O14 P 2'
ZN non-polymer 'ZINC ION' 'Zn 2'
#
# COMPACT_ATOMS: atom_id res chain seq x y z
N ARG A 37 -15.57 10.57 -23.93
CA ARG A 37 -16.04 11.27 -25.13
C ARG A 37 -15.17 12.51 -25.39
N ARG A 38 -14.53 13.04 -24.36
CA ARG A 38 -13.68 14.25 -24.48
C ARG A 38 -12.36 14.01 -25.22
N PHE A 39 -11.84 12.77 -25.21
CA PHE A 39 -10.53 12.42 -25.81
C PHE A 39 -10.61 11.20 -26.74
N PRO A 40 -9.97 11.21 -27.92
CA PRO A 40 -9.96 10.06 -28.84
C PRO A 40 -9.34 8.78 -28.25
N TYR A 41 -8.24 8.88 -27.50
CA TYR A 41 -7.58 7.69 -26.92
C TYR A 41 -8.42 7.05 -25.79
N LEU A 42 -9.21 7.83 -25.03
CA LEU A 42 -10.22 7.22 -24.14
C LEU A 42 -11.44 6.71 -24.91
N ARG A 43 -11.87 7.35 -26.00
CA ARG A 43 -12.91 6.76 -26.86
C ARG A 43 -12.44 5.38 -27.34
N ALA A 44 -11.20 5.28 -27.79
CA ALA A 44 -10.58 4.02 -28.17
C ALA A 44 -10.58 3.04 -27.00
N LEU A 45 -9.87 3.33 -25.89
CA LEU A 45 -9.75 2.41 -24.76
C LEU A 45 -11.10 2.01 -24.14
N SER A 46 -12.05 2.93 -23.98
CA SER A 46 -13.36 2.60 -23.42
C SER A 46 -14.15 1.71 -24.37
N GLN A 47 -14.07 1.93 -25.69
CA GLN A 47 -14.78 1.11 -26.66
C GLN A 47 -14.18 -0.29 -26.76
N ARG A 48 -12.92 -0.38 -27.19
CA ARG A 48 -12.36 -1.61 -27.72
C ARG A 48 -10.86 -1.69 -27.48
N VAL A 49 -10.29 -2.86 -27.65
CA VAL A 49 -8.89 -3.11 -27.30
C VAL A 49 -7.98 -2.92 -28.51
N LEU A 50 -6.85 -2.23 -28.31
CA LEU A 50 -5.93 -1.79 -29.38
C LEU A 50 -4.44 -2.13 -29.05
N VAL A 51 -3.65 -2.10 -30.13
CA VAL A 51 -2.24 -2.52 -30.00
C VAL A 51 -1.07 -1.56 -30.13
N PHE A 52 -0.22 -1.56 -29.14
CA PHE A 52 1.04 -0.82 -29.09
C PHE A 52 2.12 -1.49 -29.93
N ASP A 53 2.99 -0.69 -30.54
CA ASP A 53 4.12 -1.17 -31.34
C ASP A 53 5.19 -1.96 -30.54
N GLY A 54 6.16 -2.43 -31.32
CA GLY A 54 7.33 -3.03 -30.71
C GLY A 54 8.18 -1.76 -30.51
N ALA A 55 9.33 -1.84 -29.83
CA ALA A 55 10.20 -0.67 -29.66
C ALA A 55 11.19 -0.64 -30.84
N MET A 56 12.18 0.26 -30.79
CA MET A 56 13.07 0.48 -31.92
C MET A 56 14.45 -0.12 -31.66
N GLY A 57 14.59 -0.86 -30.57
CA GLY A 57 15.85 -1.47 -30.20
C GLY A 57 16.18 -2.57 -31.15
N THR A 58 15.48 -3.67 -30.99
CA THR A 58 15.66 -4.74 -31.92
C THR A 58 15.40 -4.15 -33.30
N GLU A 59 14.83 -2.95 -33.38
CA GLU A 59 14.59 -2.49 -34.76
C GLU A 59 15.69 -1.62 -35.35
N LEU A 60 16.33 -0.73 -34.58
CA LEU A 60 17.51 0.01 -35.01
C LEU A 60 18.74 -0.89 -35.05
N GLN A 61 18.75 -1.92 -34.19
CA GLN A 61 19.82 -2.95 -34.22
C GLN A 61 19.82 -3.76 -35.52
N LYS A 62 18.79 -3.61 -36.35
CA LYS A 62 18.70 -4.26 -37.66
C LYS A 62 18.85 -3.30 -38.86
N ARG A 63 19.12 -2.00 -38.65
CA ARG A 63 19.34 -1.03 -39.74
C ARG A 63 20.81 -0.79 -40.11
N ASP A 64 21.74 -1.19 -39.25
CA ASP A 64 23.19 -0.99 -39.43
C ASP A 64 23.56 0.47 -39.79
N LEU A 65 23.04 1.40 -39.00
CA LEU A 65 23.55 2.77 -38.97
C LEU A 65 25.04 2.73 -38.60
N THR A 66 25.87 3.50 -39.29
CA THR A 66 27.34 3.44 -39.21
C THR A 66 27.84 4.81 -38.75
N PRO A 67 28.96 4.94 -37.99
CA PRO A 67 29.15 6.08 -37.09
C PRO A 67 28.95 7.51 -37.63
N GLU A 68 29.11 7.75 -38.94
CA GLU A 68 28.76 9.04 -39.57
C GLU A 68 27.27 9.42 -39.39
N ASP A 69 26.38 8.44 -39.23
CA ASP A 69 24.96 8.64 -38.91
C ASP A 69 24.73 9.25 -37.52
N TYR A 70 25.71 9.22 -36.62
CA TYR A 70 25.65 9.96 -35.35
C TYR A 70 25.96 11.47 -35.50
N GLY A 71 26.42 11.93 -36.67
CA GLY A 71 26.64 13.35 -36.98
C GLY A 71 27.87 14.00 -36.31
N GLU A 72 28.45 13.34 -35.31
CA GLU A 72 29.67 13.73 -34.60
C GLU A 72 30.38 12.47 -34.04
N GLU A 73 31.71 12.48 -33.99
CA GLU A 73 32.50 11.36 -33.47
C GLU A 73 32.18 11.02 -32.00
N ALA A 74 31.99 12.03 -31.15
CA ALA A 74 31.65 11.84 -29.73
C ALA A 74 30.23 11.29 -29.48
N TYR A 75 29.30 11.41 -30.42
CA TYR A 75 27.89 10.99 -30.16
C TYR A 75 27.64 9.52 -30.46
N TYR A 76 28.53 8.66 -29.98
CA TYR A 76 28.45 7.23 -30.30
C TYR A 76 27.13 6.56 -29.87
N GLY A 77 26.55 5.78 -30.78
CA GLY A 77 25.51 4.78 -30.48
C GLY A 77 24.21 5.33 -29.91
N CYS A 78 23.95 6.64 -30.04
CA CYS A 78 22.87 7.29 -29.31
C CYS A 78 21.59 7.36 -30.14
N PRO A 79 20.57 6.50 -29.93
CA PRO A 79 19.23 6.83 -30.37
C PRO A 79 18.83 8.15 -29.71
N GLU A 80 18.01 8.98 -30.34
CA GLU A 80 17.86 10.38 -29.91
C GLU A 80 19.10 11.28 -30.16
N VAL A 81 19.82 10.84 -31.20
CA VAL A 81 20.93 11.62 -31.75
C VAL A 81 20.55 11.34 -33.21
N LEU A 82 20.26 10.08 -33.59
CA LEU A 82 19.78 9.70 -34.91
C LEU A 82 18.61 10.58 -35.36
N ASN A 83 17.74 10.96 -34.42
CA ASN A 83 16.54 11.72 -34.83
C ASN A 83 16.91 13.00 -35.60
N ARG A 84 18.13 13.49 -35.45
CA ARG A 84 18.61 14.72 -36.10
C ARG A 84 19.13 14.46 -37.52
N THR A 85 20.03 13.49 -37.63
CA THR A 85 20.80 13.12 -38.82
C THR A 85 20.04 12.26 -39.82
N ARG A 86 19.30 11.25 -39.34
CA ARG A 86 18.67 10.19 -40.16
C ARG A 86 17.18 10.03 -39.88
N PRO A 87 16.35 11.07 -40.09
CA PRO A 87 14.90 10.95 -39.89
C PRO A 87 14.29 9.81 -40.71
N ASP A 88 14.78 9.57 -41.92
CA ASP A 88 14.27 8.53 -42.81
C ASP A 88 14.43 7.10 -42.28
N VAL A 89 15.48 6.82 -41.48
CA VAL A 89 15.74 5.46 -40.95
C VAL A 89 14.77 5.15 -39.83
N VAL A 90 14.63 6.04 -38.85
CA VAL A 90 13.60 5.89 -37.80
C VAL A 90 12.20 5.92 -38.43
N ARG A 91 11.95 6.71 -39.49
CA ARG A 91 10.68 6.65 -40.23
C ARG A 91 10.45 5.27 -40.83
N GLU A 92 11.50 4.56 -41.21
CA GLU A 92 11.40 3.18 -41.69
C GLU A 92 10.99 2.19 -40.58
N ILE A 93 11.42 2.45 -39.34
CA ILE A 93 11.05 1.58 -38.23
C ILE A 93 9.66 1.98 -37.75
N HIS A 94 9.32 3.25 -37.90
CA HIS A 94 8.00 3.70 -37.54
C HIS A 94 6.98 3.00 -38.41
N LEU A 95 7.18 3.12 -39.71
CA LEU A 95 6.22 2.54 -40.66
C LEU A 95 6.17 1.02 -40.68
N SER A 96 7.20 0.34 -40.21
CA SER A 96 7.15 -1.12 -40.17
C SER A 96 6.01 -1.67 -39.30
N TYR A 97 5.78 -1.14 -38.10
CA TYR A 97 4.65 -1.55 -37.26
C TYR A 97 3.33 -1.06 -37.80
N LEU A 98 3.32 0.08 -38.48
CA LEU A 98 2.13 0.62 -39.13
C LEU A 98 1.70 -0.27 -40.29
N GLU A 99 2.62 -0.71 -41.14
CA GLU A 99 2.37 -1.72 -42.16
C GLU A 99 1.91 -3.05 -41.55
N ALA A 100 2.40 -3.39 -40.36
CA ALA A 100 2.00 -4.59 -39.62
C ALA A 100 0.78 -4.39 -38.69
N GLY A 101 0.00 -3.33 -38.88
CA GLY A 101 -1.32 -3.18 -38.26
C GLY A 101 -1.34 -2.76 -36.78
N ALA A 102 -0.29 -2.11 -36.27
CA ALA A 102 -0.34 -1.47 -34.96
C ALA A 102 -1.40 -0.37 -34.90
N GLU A 103 -1.76 0.05 -33.68
CA GLU A 103 -2.84 0.99 -33.40
C GLU A 103 -2.42 2.07 -32.38
N VAL A 104 -1.33 1.84 -31.64
CA VAL A 104 -0.60 2.83 -30.82
C VAL A 104 0.88 2.71 -31.18
N ILE A 105 1.57 3.84 -31.40
CA ILE A 105 3.03 3.86 -31.60
C ILE A 105 3.70 4.83 -30.64
N GLU A 106 4.75 4.36 -30.00
CA GLU A 106 5.66 5.21 -29.28
C GLU A 106 6.32 6.21 -30.24
N THR A 107 6.47 7.47 -29.83
CA THR A 107 7.55 8.33 -30.36
C THR A 107 8.90 7.79 -29.91
N ASN A 108 9.99 8.08 -30.61
CA ASN A 108 11.29 7.98 -29.96
C ASN A 108 11.36 9.11 -28.92
N SER A 109 11.53 8.77 -27.64
CA SER A 109 11.82 9.73 -26.57
C SER A 109 12.58 9.07 -25.42
N PHE A 110 13.29 7.95 -25.66
CA PHE A 110 13.97 7.20 -24.59
C PHE A 110 15.02 8.05 -23.88
N GLY A 111 15.54 9.07 -24.57
CA GLY A 111 16.57 9.98 -24.10
C GLY A 111 16.12 11.42 -23.95
N ALA A 112 14.81 11.71 -24.08
CA ALA A 112 14.29 13.09 -24.05
C ALA A 112 14.32 13.70 -22.64
N LEU A 113 15.50 14.03 -22.14
CA LEU A 113 15.69 14.59 -20.80
C LEU A 113 17.11 15.17 -20.70
N ARG A 114 17.30 16.39 -20.16
CA ARG A 114 18.60 17.08 -20.15
C ARG A 114 19.76 16.22 -19.65
N HIS A 115 19.59 15.61 -18.49
CA HIS A 115 20.64 14.83 -17.82
C HIS A 115 20.99 13.51 -18.50
N VAL A 116 20.30 13.15 -19.61
CA VAL A 116 20.64 11.98 -20.46
C VAL A 116 20.94 12.33 -21.93
N LEU A 117 20.47 13.47 -22.44
CA LEU A 117 21.03 14.06 -23.66
C LEU A 117 22.47 14.54 -23.40
N ALA A 118 22.72 15.22 -22.30
CA ALA A 118 24.05 15.67 -21.93
C ALA A 118 24.96 14.56 -21.38
N GLU A 119 24.60 13.28 -21.48
CA GLU A 119 25.32 12.17 -20.82
C GLU A 119 26.77 12.00 -21.33
N TYR A 120 26.98 12.38 -22.58
CA TYR A 120 28.25 12.69 -23.27
C TYR A 120 28.14 14.01 -24.08
N GLY A 121 27.35 14.97 -23.59
CA GLY A 121 27.16 16.28 -24.25
C GLY A 121 26.40 16.26 -25.58
N LEU A 122 25.48 15.30 -25.79
CA LEU A 122 24.87 14.97 -27.09
C LEU A 122 23.64 15.86 -27.33
N GLY A 123 23.76 17.18 -27.19
CA GLY A 123 22.74 18.16 -27.62
C GLY A 123 21.66 18.58 -26.62
N GLU A 124 21.77 19.81 -26.12
CA GLU A 124 21.00 20.28 -24.96
C GLU A 124 19.52 20.57 -25.26
N GLU A 125 19.14 20.66 -26.53
CA GLU A 125 17.86 21.20 -27.03
C GLU A 125 16.70 20.19 -27.02
N ALA A 126 16.43 19.61 -25.85
CA ALA A 126 15.37 18.61 -25.73
C ALA A 126 14.12 18.93 -26.53
N GLU A 127 13.50 20.07 -26.26
CA GLU A 127 12.29 20.47 -26.98
C GLU A 127 12.41 20.13 -28.45
N GLU A 128 13.49 20.59 -29.08
CA GLU A 128 13.71 20.31 -30.49
C GLU A 128 13.54 18.83 -30.74
N LEU A 129 14.40 18.02 -30.13
CA LEU A 129 14.34 16.58 -30.31
C LEU A 129 12.93 16.07 -30.09
N ALA A 130 12.30 16.51 -29.00
CA ALA A 130 10.95 16.07 -28.71
C ALA A 130 9.95 16.43 -29.82
N TYR A 131 10.19 17.54 -30.50
CA TYR A 131 9.31 17.96 -31.61
C TYR A 131 9.91 17.37 -32.85
N ARG A 132 11.10 16.84 -32.72
CA ARG A 132 11.60 16.17 -33.87
C ARG A 132 11.08 14.74 -34.02
N ALA A 133 11.29 13.91 -33.00
CA ALA A 133 10.77 12.55 -33.02
C ALA A 133 9.24 12.47 -32.94
N ALA A 134 8.56 13.45 -32.35
CA ALA A 134 7.10 13.52 -32.48
C ALA A 134 6.67 13.77 -33.94
N ARG A 135 7.37 14.65 -34.67
CA ARG A 135 7.15 14.89 -36.10
C ARG A 135 7.51 13.67 -36.94
N ILE A 136 8.64 13.01 -36.69
CA ILE A 136 9.02 11.75 -37.37
C ILE A 136 7.93 10.65 -37.18
N ALA A 137 7.40 10.49 -35.96
CA ALA A 137 6.31 9.55 -35.66
C ALA A 137 5.00 9.93 -36.36
N LYS A 138 4.65 11.22 -36.43
CA LYS A 138 3.49 11.74 -37.18
C LYS A 138 3.63 11.58 -38.70
N GLU A 139 4.80 11.88 -39.25
CA GLU A 139 5.13 11.69 -40.68
C GLU A 139 4.88 10.25 -41.14
N ALA A 140 5.23 9.27 -40.30
CA ALA A 140 4.93 7.87 -40.54
C ALA A 140 3.45 7.52 -40.31
N ALA A 141 2.88 7.87 -39.15
CA ALA A 141 1.56 7.41 -38.73
C ALA A 141 0.36 8.07 -39.43
N GLU A 142 0.49 9.28 -39.96
CA GLU A 142 -0.65 10.08 -40.43
C GLU A 142 -1.61 9.33 -41.40
N PRO A 143 -1.16 8.57 -42.41
CA PRO A 143 -2.04 7.79 -43.29
C PRO A 143 -2.80 6.65 -42.60
N TYR A 144 -2.26 6.13 -41.49
CA TYR A 144 -2.77 4.96 -40.77
C TYR A 144 -3.71 5.32 -39.62
N GLY A 145 -3.52 6.49 -39.00
CA GLY A 145 -4.32 6.97 -37.86
C GLY A 145 -4.01 6.30 -36.51
N ALA A 146 -2.98 5.45 -36.42
CA ALA A 146 -2.51 4.87 -35.15
C ALA A 146 -2.03 5.95 -34.18
N PHE A 147 -2.33 5.78 -32.90
CA PHE A 147 -2.15 6.83 -31.89
C PHE A 147 -0.69 7.13 -31.63
N VAL A 148 -0.35 8.42 -31.61
CA VAL A 148 1.00 8.88 -31.27
C VAL A 148 1.12 9.00 -29.76
N ALA A 149 1.80 8.03 -29.14
CA ALA A 149 2.15 8.05 -27.74
C ALA A 149 3.54 8.69 -27.57
N GLY A 150 3.62 9.91 -27.03
CA GLY A 150 4.87 10.59 -26.70
C GLY A 150 5.50 9.69 -25.64
N ALA A 151 6.53 9.05 -25.78
CA ALA A 151 6.78 7.81 -25.07
C ALA A 151 8.23 7.95 -24.66
N LEU A 152 8.41 8.28 -23.38
CA LEU A 152 9.71 8.57 -22.82
C LEU A 152 10.34 7.26 -22.33
N GLY A 153 11.53 7.38 -21.75
CA GLY A 153 12.03 6.45 -20.78
C GLY A 153 12.01 7.06 -19.39
N PRO A 154 12.67 6.42 -18.42
CA PRO A 154 12.73 6.86 -17.03
C PRO A 154 13.86 7.86 -16.69
N GLY A 155 14.78 8.12 -17.63
CA GLY A 155 16.01 8.88 -17.38
C GLY A 155 17.03 8.09 -16.55
N THR A 156 18.30 8.51 -16.57
CA THR A 156 19.40 7.72 -15.99
C THR A 156 19.50 7.88 -14.46
N LYS A 157 18.96 8.96 -13.88
CA LYS A 157 19.08 9.29 -12.43
C LYS A 157 17.74 9.20 -11.69
N LEU A 158 17.73 8.54 -10.52
CA LEU A 158 16.56 8.26 -9.67
C LEU A 158 16.44 9.23 -8.50
N VAL A 159 15.24 9.68 -8.15
CA VAL A 159 15.04 10.47 -6.91
C VAL A 159 15.23 9.61 -5.65
N SER A 160 14.54 8.48 -5.53
CA SER A 160 14.33 7.88 -4.20
C SER A 160 15.57 7.30 -3.53
N LEU A 161 16.59 6.89 -4.28
CA LEU A 161 17.86 6.39 -3.72
C LEU A 161 18.91 7.51 -3.54
N GLY A 162 18.52 8.77 -3.71
CA GLY A 162 19.39 9.92 -3.47
C GLY A 162 20.50 10.09 -4.51
N GLN A 163 20.36 9.52 -5.70
CA GLN A 163 21.28 9.74 -6.83
C GLN A 163 21.22 11.18 -7.34
N ILE A 164 20.12 11.88 -7.09
CA ILE A 164 19.80 13.23 -7.58
C ILE A 164 18.75 13.87 -6.67
N SER A 165 18.63 15.19 -6.71
CA SER A 165 17.60 15.96 -6.00
C SER A 165 16.46 16.37 -6.93
N TRP A 166 15.23 16.34 -6.42
CA TRP A 166 13.95 16.57 -7.10
C TRP A 166 13.97 17.70 -8.14
N GLU A 167 14.62 18.83 -7.86
CA GLU A 167 14.72 19.97 -8.76
C GLU A 167 15.39 19.63 -10.10
N GLU A 168 16.41 18.79 -10.07
CA GLU A 168 17.23 18.48 -11.23
C GLU A 168 16.61 17.41 -12.16
N LEU A 169 15.64 16.66 -11.62
CA LEU A 169 14.88 15.76 -12.48
C LEU A 169 13.64 16.53 -12.92
N PHE A 170 12.95 17.18 -11.97
CA PHE A 170 11.76 17.94 -12.28
C PHE A 170 12.05 18.97 -13.37
N SER A 171 13.19 19.65 -13.31
CA SER A 171 13.62 20.57 -14.37
C SER A 171 13.76 19.88 -15.73
N ALA A 172 14.52 18.78 -15.82
CA ALA A 172 14.68 18.01 -17.05
C ALA A 172 13.36 17.54 -17.66
N TYR A 173 12.52 16.85 -16.90
CA TYR A 173 11.21 16.46 -17.40
C TYR A 173 10.36 17.69 -17.77
N LYS A 174 10.42 18.80 -17.02
CA LYS A 174 9.57 19.99 -17.23
C LYS A 174 9.86 20.63 -18.57
N GLU A 175 11.13 20.88 -18.88
CA GLU A 175 11.50 21.50 -20.16
C GLU A 175 11.30 20.54 -21.34
N ALA A 176 11.62 19.25 -21.20
CA ALA A 176 11.45 18.30 -22.29
C ALA A 176 10.00 18.10 -22.74
N VAL A 177 9.11 17.80 -21.80
CA VAL A 177 7.79 17.25 -22.17
C VAL A 177 6.95 18.25 -22.95
N ARG A 178 7.11 19.56 -22.76
CA ARG A 178 6.35 20.58 -23.53
C ARG A 178 6.70 20.56 -25.02
N GLY A 179 7.90 20.16 -25.40
CA GLY A 179 8.24 19.93 -26.81
C GLY A 179 7.50 18.73 -27.41
N LEU A 180 7.25 17.66 -26.63
CA LEU A 180 6.44 16.53 -27.08
C LEU A 180 4.99 16.98 -27.30
N VAL A 181 4.44 17.75 -26.37
CA VAL A 181 3.06 18.24 -26.43
C VAL A 181 2.88 19.25 -27.58
N ARG A 182 3.93 20.03 -27.81
CA ARG A 182 3.94 20.93 -28.95
C ARG A 182 4.02 20.09 -30.19
N GLY A 183 4.69 18.94 -30.10
CA GLY A 183 4.81 18.03 -31.23
C GLY A 183 3.49 17.42 -31.65
N GLY A 184 2.44 17.63 -30.86
CA GLY A 184 1.11 17.13 -31.19
C GLY A 184 0.90 15.63 -31.02
N VAL A 185 1.56 15.00 -30.04
CA VAL A 185 1.26 13.62 -29.66
C VAL A 185 -0.20 13.50 -29.19
N ASP A 186 -0.82 12.34 -29.40
CA ASP A 186 -2.19 12.08 -28.93
C ASP A 186 -2.27 11.94 -27.40
N LEU A 187 -1.17 11.49 -26.78
CA LEU A 187 -0.95 11.52 -25.34
C LEU A 187 0.55 11.35 -25.02
N ILE A 188 0.95 11.65 -23.79
CA ILE A 188 2.28 11.32 -23.25
C ILE A 188 2.22 9.99 -22.54
N LEU A 189 3.25 9.17 -22.70
CA LEU A 189 3.49 7.99 -21.91
C LEU A 189 4.73 8.28 -21.08
N LEU A 190 4.60 8.32 -19.76
CA LEU A 190 5.77 8.43 -18.85
C LEU A 190 6.32 7.03 -18.55
N GLU A 191 6.27 6.18 -19.55
CA GLU A 191 6.30 4.75 -19.35
C GLU A 191 7.64 4.22 -18.86
N THR A 192 7.68 2.98 -18.39
CA THR A 192 8.87 2.30 -17.84
C THR A 192 9.36 2.89 -16.51
N ALA A 193 8.54 3.68 -15.81
CA ALA A 193 8.93 4.33 -14.58
C ALA A 193 9.43 3.34 -13.51
N GLN A 194 10.45 3.74 -12.75
CA GLN A 194 11.30 2.83 -11.95
C GLN A 194 11.14 3.01 -10.43
N ASP A 195 10.37 4.00 -10.03
CA ASP A 195 10.27 4.54 -8.69
C ASP A 195 9.00 5.40 -8.63
N ILE A 196 8.21 5.35 -7.56
CA ILE A 196 7.04 6.22 -7.46
C ILE A 196 7.43 7.71 -7.32
N LEU A 197 8.54 8.04 -6.69
CA LEU A 197 8.97 9.44 -6.66
C LEU A 197 9.39 9.91 -8.05
N GLN A 198 10.05 9.06 -8.83
CA GLN A 198 10.29 9.29 -10.25
C GLN A 198 8.99 9.44 -11.07
N VAL A 199 7.91 8.71 -10.72
CA VAL A 199 6.56 8.96 -11.28
C VAL A 199 6.02 10.32 -10.85
N ARG A 200 6.11 10.69 -9.58
CA ARG A 200 5.58 11.94 -9.03
C ARG A 200 6.24 13.13 -9.70
N CYS A 201 7.57 13.20 -9.72
CA CYS A 201 8.24 14.33 -10.36
C CYS A 201 7.97 14.35 -11.87
N ALA A 202 7.90 13.19 -12.54
CA ALA A 202 7.51 13.09 -13.94
C ALA A 202 6.07 13.57 -14.23
N VAL A 203 5.10 13.26 -13.36
CA VAL A 203 3.70 13.69 -13.48
C VAL A 203 3.55 15.17 -13.16
N LEU A 204 4.25 15.68 -12.14
CA LEU A 204 4.28 17.10 -11.82
C LEU A 204 4.94 17.89 -12.97
N ALA A 205 6.05 17.39 -13.50
CA ALA A 205 6.77 18.00 -14.61
C ALA A 205 5.94 17.97 -15.89
N ALA A 206 5.31 16.84 -16.23
CA ALA A 206 4.44 16.72 -17.39
C ALA A 206 3.17 17.59 -17.28
N ARG A 207 2.58 17.72 -16.08
CA ARG A 207 1.47 18.63 -15.83
C ARG A 207 1.89 20.08 -15.98
N GLU A 208 3.00 20.49 -15.37
CA GLU A 208 3.45 21.86 -15.51
C GLU A 208 3.99 22.17 -16.92
N ALA A 209 4.44 21.16 -17.66
CA ALA A 209 4.75 21.24 -19.08
C ALA A 209 3.50 21.42 -19.95
N MET A 210 2.46 20.59 -19.80
CA MET A 210 1.18 20.70 -20.56
C MET A 210 0.38 21.97 -20.20
N ALA A 211 0.27 22.28 -18.90
CA ALA A 211 -0.56 23.39 -18.42
C ALA A 211 -0.02 24.76 -18.89
N GLU A 212 1.30 24.88 -19.03
CA GLU A 212 1.96 26.04 -19.63
C GLU A 212 2.06 25.97 -21.17
N LEU A 213 1.22 25.12 -21.79
CA LEU A 213 0.75 25.22 -23.18
C LEU A 213 -0.78 25.39 -23.27
N GLY A 214 -1.47 25.51 -22.13
CA GLY A 214 -2.93 25.67 -22.05
C GLY A 214 -3.74 24.39 -22.21
N VAL A 215 -3.16 23.21 -21.95
CA VAL A 215 -3.78 21.89 -22.21
C VAL A 215 -3.59 20.89 -21.05
N GLU A 216 -4.38 19.81 -21.07
CA GLU A 216 -4.08 18.53 -20.42
C GLU A 216 -4.69 17.37 -21.22
N LEU A 217 -4.21 16.15 -21.00
CA LEU A 217 -4.55 14.95 -21.78
C LEU A 217 -4.68 13.69 -20.89
N PRO A 218 -5.30 12.60 -21.37
CA PRO A 218 -5.22 11.27 -20.74
C PRO A 218 -3.81 10.64 -20.87
N LEU A 219 -2.81 11.29 -20.25
CA LEU A 219 -1.42 10.82 -20.10
C LEU A 219 -1.39 9.45 -19.44
N GLN A 220 -0.33 8.67 -19.68
CA GLN A 220 -0.30 7.29 -19.24
C GLN A 220 1.04 6.97 -18.61
N VAL A 221 1.14 7.00 -17.29
CA VAL A 221 2.26 6.34 -16.63
C VAL A 221 2.14 4.87 -16.89
N GLN A 222 3.24 4.17 -16.91
CA GLN A 222 3.26 2.72 -16.88
C GLN A 222 4.49 2.31 -16.14
N VAL A 223 4.48 1.18 -15.49
CA VAL A 223 5.53 0.85 -14.52
C VAL A 223 6.27 -0.41 -14.90
N THR A 224 7.56 -0.48 -14.59
CA THR A 224 8.33 -1.72 -14.70
C THR A 224 7.95 -2.69 -13.58
N PHE A 225 8.32 -3.97 -13.66
CA PHE A 225 8.22 -4.89 -12.53
C PHE A 225 9.31 -5.96 -12.53
N GLU A 226 9.61 -6.44 -11.33
CA GLU A 226 10.61 -7.46 -11.01
C GLU A 226 9.99 -8.55 -10.13
N ALA A 227 10.47 -9.78 -10.29
CA ALA A 227 9.96 -11.00 -9.65
C ALA A 227 10.07 -11.03 -8.12
N THR A 228 10.80 -10.07 -7.51
CA THR A 228 10.83 -9.76 -6.07
C THR A 228 9.47 -9.31 -5.51
N GLY A 229 8.45 -9.12 -6.36
CA GLY A 229 7.09 -8.68 -5.98
C GLY A 229 6.88 -7.16 -6.11
N THR A 230 7.74 -6.48 -6.87
CA THR A 230 8.01 -5.05 -6.72
C THR A 230 8.51 -4.42 -8.02
N MET A 231 8.49 -3.10 -8.12
CA MET A 231 9.42 -2.37 -9.00
C MET A 231 10.88 -2.52 -8.51
N LEU A 232 11.84 -2.03 -9.29
CA LEU A 232 13.28 -2.05 -8.99
C LEU A 232 13.65 -1.40 -7.66
N VAL A 233 12.94 -0.32 -7.28
CA VAL A 233 13.20 0.43 -6.03
C VAL A 233 12.80 -0.34 -4.76
N GLY A 234 11.94 -1.36 -4.87
CA GLY A 234 11.30 -2.06 -3.74
C GLY A 234 9.80 -1.80 -3.57
N THR A 235 9.21 -0.89 -4.34
CA THR A 235 7.75 -0.64 -4.36
C THR A 235 6.94 -1.86 -4.76
N ASP A 236 6.07 -2.38 -3.91
CA ASP A 236 5.16 -3.48 -4.29
C ASP A 236 4.01 -3.05 -5.22
N GLU A 237 3.33 -4.05 -5.78
CA GLU A 237 2.22 -3.89 -6.71
C GLU A 237 0.97 -3.20 -6.10
N GLN A 238 0.84 -3.17 -4.76
CA GLN A 238 -0.24 -2.44 -4.07
C GLN A 238 0.13 -0.96 -3.94
N ALA A 239 1.37 -0.68 -3.51
CA ALA A 239 1.89 0.67 -3.36
C ALA A 239 1.84 1.41 -4.69
N ALA A 240 2.18 0.73 -5.78
CA ALA A 240 2.06 1.28 -7.13
C ALA A 240 0.65 1.78 -7.40
N LEU A 241 -0.38 0.94 -7.26
CA LEU A 241 -1.75 1.32 -7.61
C LEU A 241 -2.39 2.27 -6.61
N ALA A 242 -2.15 2.07 -5.32
CA ALA A 242 -2.65 2.92 -4.26
C ALA A 242 -2.13 4.37 -4.37
N ALA A 243 -0.85 4.53 -4.76
CA ALA A 243 -0.28 5.80 -5.15
C ALA A 243 -0.97 6.35 -6.41
N LEU A 244 -0.99 5.57 -7.49
CA LEU A 244 -1.52 5.97 -8.81
C LEU A 244 -3.03 6.31 -8.82
N GLU A 245 -3.81 5.93 -7.81
CA GLU A 245 -5.19 6.42 -7.63
C GLU A 245 -5.27 7.94 -7.36
N SER A 246 -4.24 8.47 -6.72
CA SER A 246 -4.16 9.87 -6.27
C SER A 246 -4.07 10.87 -7.41
N LEU A 247 -4.07 10.42 -8.66
CA LEU A 247 -3.65 11.15 -9.84
C LEU A 247 -4.78 11.13 -10.89
N PRO A 248 -4.98 12.22 -11.66
CA PRO A 248 -6.07 12.34 -12.63
C PRO A 248 -5.83 11.55 -13.93
N ILE A 249 -4.72 10.80 -14.01
CA ILE A 249 -4.23 10.14 -15.23
C ILE A 249 -5.28 9.05 -15.47
N ASP A 250 -6.08 9.19 -16.53
CA ASP A 250 -7.18 8.25 -16.86
C ASP A 250 -6.74 6.86 -17.33
N VAL A 251 -5.45 6.68 -17.60
CA VAL A 251 -4.83 5.43 -18.03
C VAL A 251 -3.59 5.16 -17.18
N VAL A 252 -3.38 3.89 -16.86
CA VAL A 252 -2.21 3.48 -16.12
C VAL A 252 -1.79 2.27 -16.93
N GLY A 253 -0.71 1.60 -16.55
CA GLY A 253 -0.36 0.40 -17.28
C GLY A 253 0.94 -0.25 -16.91
N MET A 254 1.41 -1.15 -17.76
CA MET A 254 2.66 -1.85 -17.52
C MET A 254 3.50 -1.80 -18.78
N ASN A 255 4.81 -1.86 -18.61
CA ASN A 255 5.72 -1.79 -19.75
C ASN A 255 7.04 -2.45 -19.36
N CYS A 256 7.83 -2.85 -20.36
CA CYS A 256 9.15 -3.43 -20.09
C CYS A 256 9.11 -4.53 -19.05
N ALA A 257 7.97 -5.19 -18.93
CA ALA A 257 7.84 -6.30 -18.01
C ALA A 257 8.51 -7.51 -18.68
N THR A 258 8.61 -8.63 -17.99
CA THR A 258 9.41 -9.77 -18.50
C THR A 258 8.64 -10.86 -19.27
N GLY A 259 7.49 -10.52 -19.83
CA GLY A 259 6.76 -11.46 -20.66
C GLY A 259 5.36 -11.65 -20.08
N PRO A 260 4.41 -12.17 -20.88
CA PRO A 260 3.07 -12.27 -20.28
C PRO A 260 2.98 -13.29 -19.15
N ASP A 261 3.57 -14.45 -19.34
CA ASP A 261 3.51 -15.51 -18.32
C ASP A 261 4.11 -15.08 -17.00
N LEU A 262 4.88 -14.00 -17.00
CA LEU A 262 5.40 -13.45 -15.74
C LEU A 262 4.63 -12.20 -15.30
N MET A 263 4.04 -11.48 -16.25
CA MET A 263 3.20 -10.30 -16.02
C MET A 263 1.79 -10.64 -15.49
N ASP A 264 1.28 -11.84 -15.68
CA ASP A 264 -0.11 -12.12 -15.30
C ASP A 264 -0.58 -11.74 -13.89
N ALA A 265 0.16 -12.09 -12.86
CA ALA A 265 -0.25 -11.62 -11.54
C ALA A 265 -0.46 -10.11 -11.53
N LYS A 266 0.56 -9.33 -11.90
CA LYS A 266 0.52 -7.85 -11.89
C LYS A 266 -0.62 -7.30 -12.75
N ILE A 267 -0.75 -7.82 -13.96
CA ILE A 267 -1.82 -7.37 -14.81
C ILE A 267 -3.16 -7.68 -14.12
N ARG A 268 -3.16 -8.65 -13.24
CA ARG A 268 -4.39 -8.99 -12.61
C ARG A 268 -4.75 -7.89 -11.63
N TYR A 269 -4.01 -7.82 -10.55
CA TYR A 269 -4.24 -6.82 -9.56
C TYR A 269 -4.42 -5.44 -10.15
N PHE A 270 -3.89 -5.19 -11.33
CA PHE A 270 -4.15 -3.82 -11.80
C PHE A 270 -5.51 -3.75 -12.48
N ALA A 271 -5.83 -4.71 -13.37
CA ALA A 271 -6.99 -4.71 -14.24
C ALA A 271 -8.29 -4.80 -13.47
N GLN A 272 -8.41 -5.74 -12.55
CA GLN A 272 -9.64 -5.89 -11.77
C GLN A 272 -9.78 -4.82 -10.67
N GLU A 273 -8.67 -4.33 -10.10
CA GLU A 273 -8.67 -3.40 -8.97
C GLU A 273 -8.78 -1.90 -9.36
N SER A 274 -8.18 -1.44 -10.47
CA SER A 274 -8.08 0.00 -10.77
C SER A 274 -9.39 0.64 -11.27
N THR A 275 -9.53 1.95 -11.09
CA THR A 275 -10.51 2.77 -11.84
C THR A 275 -9.98 3.21 -13.22
N ARG A 276 -8.77 3.76 -13.27
CA ARG A 276 -8.04 4.21 -14.47
C ARG A 276 -7.66 3.03 -15.36
N PHE A 277 -7.87 3.14 -16.67
CA PHE A 277 -7.80 2.05 -17.64
C PHE A 277 -6.42 1.40 -17.67
N VAL A 278 -6.32 0.08 -17.78
CA VAL A 278 -5.04 -0.61 -17.73
C VAL A 278 -4.59 -1.07 -19.11
N ALA A 279 -3.30 -0.96 -19.43
CA ALA A 279 -2.70 -1.51 -20.64
C ALA A 279 -1.42 -2.31 -20.39
N CYS A 280 -1.03 -3.10 -21.38
CA CYS A 280 -0.06 -4.18 -21.25
C CYS A 280 0.97 -4.24 -22.39
N LEU A 281 2.26 -4.29 -22.05
CA LEU A 281 3.38 -4.34 -22.98
C LEU A 281 4.56 -5.15 -22.41
N PRO A 282 4.49 -6.49 -22.40
CA PRO A 282 5.61 -7.33 -22.07
C PRO A 282 6.72 -7.24 -23.13
N ASN A 283 7.98 -7.35 -22.70
CA ASN A 283 9.11 -7.33 -23.65
C ASN A 283 9.46 -8.70 -24.23
N ALA A 284 8.48 -9.54 -24.51
CA ALA A 284 8.69 -10.83 -25.16
C ALA A 284 9.53 -11.88 -24.39
N GLY A 285 9.36 -11.97 -23.06
CA GLY A 285 10.16 -12.87 -22.21
C GLY A 285 11.44 -12.23 -21.69
N LEU A 286 12.59 -12.90 -21.89
CA LEU A 286 13.91 -12.47 -21.42
C LEU A 286 14.89 -12.39 -22.62
N PRO A 287 15.81 -11.41 -22.65
CA PRO A 287 16.72 -11.21 -23.78
C PRO A 287 17.85 -12.25 -23.87
N ARG A 288 18.54 -12.11 -25.03
CA ARG A 288 19.75 -12.86 -25.30
C ARG A 288 20.45 -11.91 -26.31
N ASN A 289 21.72 -11.51 -26.11
CA ASN A 289 22.43 -10.59 -27.02
C ASN A 289 23.17 -11.40 -28.09
N GLU A 290 22.93 -11.08 -29.36
CA GLU A 290 23.61 -11.63 -30.53
C GLU A 290 24.24 -10.49 -31.35
N GLY A 291 25.57 -10.48 -31.53
CA GLY A 291 26.25 -9.48 -32.37
C GLY A 291 26.04 -8.01 -31.97
N GLY A 292 25.65 -7.72 -30.72
CA GLY A 292 25.30 -6.38 -30.25
C GLY A 292 23.81 -6.03 -30.34
N ARG A 293 22.95 -6.98 -30.73
CA ARG A 293 21.48 -6.87 -30.83
C ARG A 293 20.81 -7.73 -29.76
N VAL A 294 19.89 -7.16 -28.97
CA VAL A 294 19.04 -7.93 -28.07
C VAL A 294 17.88 -8.58 -28.84
N VAL A 295 17.72 -9.88 -28.66
CA VAL A 295 16.77 -10.75 -29.37
C VAL A 295 16.09 -11.69 -28.39
N TYR A 296 14.85 -12.07 -28.68
CA TYR A 296 14.11 -12.91 -27.74
C TYR A 296 13.65 -14.18 -28.41
N ASP A 297 12.73 -14.88 -27.77
CA ASP A 297 12.20 -16.13 -28.33
C ASP A 297 10.69 -16.31 -28.21
N LEU A 298 9.97 -15.41 -27.55
CA LEU A 298 8.50 -15.43 -27.53
C LEU A 298 7.97 -15.12 -28.95
N THR A 299 6.99 -15.90 -29.41
CA THR A 299 6.48 -15.91 -30.79
C THR A 299 5.26 -15.00 -31.02
N PRO A 300 4.92 -14.65 -32.28
CA PRO A 300 3.71 -13.91 -32.59
C PRO A 300 2.43 -14.66 -32.25
N GLU A 301 2.44 -15.99 -32.36
CA GLU A 301 1.31 -16.83 -31.95
C GLU A 301 1.11 -16.80 -30.44
N GLU A 302 2.17 -17.00 -29.63
CA GLU A 302 2.05 -16.95 -28.18
C GLU A 302 1.53 -15.59 -27.69
N LEU A 303 2.00 -14.47 -28.26
CA LEU A 303 1.49 -13.14 -27.92
C LEU A 303 0.02 -12.95 -28.35
N ALA A 304 -0.48 -13.67 -29.35
CA ALA A 304 -1.91 -13.65 -29.67
C ALA A 304 -2.77 -14.35 -28.60
N ARG A 305 -2.30 -15.47 -28.03
CA ARG A 305 -2.96 -16.20 -26.91
C ARG A 305 -3.05 -15.33 -25.67
N TRP A 306 -1.94 -14.74 -25.24
CA TRP A 306 -1.85 -13.99 -24.00
C TRP A 306 -2.68 -12.73 -24.00
N HIS A 307 -2.73 -11.97 -25.08
CA HIS A 307 -3.71 -10.89 -25.13
C HIS A 307 -5.12 -11.45 -25.25
N LEU A 308 -5.40 -12.50 -26.04
CA LEU A 308 -6.74 -13.11 -26.09
C LEU A 308 -7.26 -13.56 -24.72
N LYS A 309 -6.39 -14.07 -23.85
CA LYS A 309 -6.69 -14.30 -22.44
C LYS A 309 -6.96 -12.98 -21.70
N PHE A 310 -5.97 -12.11 -21.61
CA PHE A 310 -6.03 -10.95 -20.72
C PHE A 310 -7.16 -9.97 -21.07
N VAL A 311 -7.51 -9.78 -22.33
CA VAL A 311 -8.35 -8.61 -22.72
C VAL A 311 -9.81 -8.78 -22.38
N THR A 312 -10.35 -9.98 -22.52
CA THR A 312 -11.75 -10.29 -22.22
C THR A 312 -11.91 -10.89 -20.82
N GLU A 313 -10.98 -11.73 -20.35
CA GLU A 313 -10.99 -12.31 -19.00
C GLU A 313 -10.75 -11.24 -17.92
N TYR A 314 -9.57 -10.60 -17.91
CA TYR A 314 -9.21 -9.55 -16.94
C TYR A 314 -9.73 -8.17 -17.32
N GLY A 315 -9.79 -7.84 -18.60
CA GLY A 315 -10.33 -6.58 -19.10
C GLY A 315 -9.28 -5.59 -19.57
N VAL A 316 -8.06 -6.00 -19.90
CA VAL A 316 -6.95 -5.10 -20.30
C VAL A 316 -7.32 -4.25 -21.51
N ASN A 317 -7.34 -2.92 -21.36
CA ASN A 317 -7.88 -2.04 -22.40
C ASN A 317 -6.94 -1.75 -23.57
N ALA A 318 -5.62 -1.91 -23.42
CA ALA A 318 -4.72 -1.92 -24.57
C ALA A 318 -3.51 -2.83 -24.37
N VAL A 319 -2.93 -3.30 -25.47
CA VAL A 319 -2.11 -4.51 -25.52
C VAL A 319 -0.95 -4.33 -26.47
N GLY A 320 0.04 -5.20 -26.44
CA GLY A 320 1.25 -5.07 -27.25
C GLY A 320 2.41 -5.77 -26.56
N GLY A 321 3.62 -5.38 -26.87
CA GLY A 321 4.80 -5.89 -26.15
C GLY A 321 5.76 -5.08 -26.98
N CYS A 322 6.79 -4.50 -26.41
CA CYS A 322 7.55 -3.58 -27.22
C CYS A 322 8.99 -3.94 -27.32
N CYS A 323 9.71 -3.89 -26.23
CA CYS A 323 11.11 -4.25 -26.49
C CYS A 323 11.29 -5.72 -26.87
N GLY A 324 12.02 -5.98 -27.95
CA GLY A 324 12.28 -7.36 -28.37
C GLY A 324 11.28 -7.96 -29.36
N THR A 325 10.25 -7.22 -29.81
CA THR A 325 9.26 -7.70 -30.77
C THR A 325 9.39 -7.08 -32.15
N GLY A 326 9.30 -7.91 -33.19
CA GLY A 326 9.20 -7.45 -34.58
C GLY A 326 7.77 -7.02 -34.96
N PRO A 327 7.55 -6.55 -36.20
CA PRO A 327 6.21 -6.14 -36.64
C PRO A 327 5.23 -7.32 -36.77
N GLU A 328 5.74 -8.53 -36.93
CA GLU A 328 4.95 -9.76 -36.96
C GLU A 328 4.22 -10.07 -35.65
N HIS A 329 4.84 -9.82 -34.48
CA HIS A 329 4.17 -9.95 -33.19
C HIS A 329 2.92 -9.11 -33.17
N ILE A 330 3.04 -7.82 -33.45
CA ILE A 330 1.92 -6.89 -33.40
C ILE A 330 0.87 -7.20 -34.47
N ARG A 331 1.25 -7.70 -35.66
CA ARG A 331 0.26 -8.18 -36.64
C ARG A 331 -0.57 -9.35 -36.11
N LYS A 332 0.08 -10.41 -35.60
CA LYS A 332 -0.58 -11.62 -35.11
C LYS A 332 -1.45 -11.38 -33.87
N VAL A 333 -1.09 -10.42 -33.02
CA VAL A 333 -1.98 -9.89 -31.99
C VAL A 333 -3.12 -9.07 -32.58
N ALA A 334 -2.89 -8.20 -33.55
CA ALA A 334 -3.94 -7.32 -34.08
C ALA A 334 -5.09 -8.11 -34.71
N GLU A 335 -4.77 -9.12 -35.52
CA GLU A 335 -5.77 -9.97 -36.17
C GLU A 335 -6.60 -10.74 -35.15
N ALA A 336 -5.94 -11.37 -34.16
CA ALA A 336 -6.57 -12.24 -33.18
C ALA A 336 -7.35 -11.50 -32.07
N VAL A 337 -6.88 -10.31 -31.68
CA VAL A 337 -7.27 -9.67 -30.41
C VAL A 337 -7.76 -8.23 -30.58
N GLY A 338 -7.43 -7.55 -31.67
CA GLY A 338 -7.84 -6.16 -31.90
C GLY A 338 -9.34 -6.02 -32.12
N GLY A 339 -9.91 -4.90 -31.66
CA GLY A 339 -11.32 -4.56 -31.86
C GLY A 339 -12.34 -5.27 -30.94
N ARG A 340 -11.90 -6.21 -30.09
CA ARG A 340 -12.74 -6.81 -29.03
C ARG A 340 -13.29 -5.71 -28.10
N PRO A 341 -14.52 -5.80 -27.59
CA PRO A 341 -15.08 -4.77 -26.72
C PRO A 341 -14.32 -4.70 -25.40
N SER A 342 -13.79 -3.51 -25.10
CA SER A 342 -12.98 -3.34 -23.90
C SER A 342 -13.81 -3.47 -22.65
N PRO A 343 -13.38 -4.31 -21.72
CA PRO A 343 -14.25 -4.51 -20.58
C PRO A 343 -14.09 -3.46 -19.47
N VAL A 344 -15.20 -3.20 -18.78
CA VAL A 344 -15.33 -2.21 -17.70
C VAL A 344 -14.47 -2.61 -16.48
N HIS A 345 -14.04 -1.62 -15.70
CA HIS A 345 -13.50 -1.80 -14.35
C HIS A 345 -14.34 -1.01 -13.32
N LYS A 346 -14.34 -1.49 -12.07
CA LYS A 346 -15.18 -1.02 -10.95
C LYS A 346 -15.12 0.46 -10.58
N THR A 347 -16.21 0.95 -10.00
CA THR A 347 -16.42 2.35 -9.61
C THR A 347 -15.57 2.89 -8.44
N ALA A 348 -14.88 2.06 -7.64
CA ALA A 348 -14.12 2.52 -6.48
C ALA A 348 -12.94 1.63 -6.05
N PHE A 349 -11.75 2.22 -5.92
CA PHE A 349 -10.62 1.67 -5.15
C PHE A 349 -10.91 1.88 -3.65
N PRO A 350 -10.52 0.98 -2.72
CA PRO A 350 -10.77 1.16 -1.30
C PRO A 350 -10.22 2.48 -0.72
N PRO A 351 -10.62 2.88 0.50
CA PRO A 351 -9.88 3.85 1.29
C PRO A 351 -8.42 3.44 1.44
N GLN A 352 -7.47 4.26 1.01
CA GLN A 352 -6.06 3.87 0.93
C GLN A 352 -5.04 5.02 1.11
N VAL A 353 -3.80 4.60 1.43
CA VAL A 353 -2.66 5.52 1.54
C VAL A 353 -1.45 4.65 1.13
N ALA A 354 -0.29 5.22 0.78
CA ALA A 354 0.83 4.43 0.28
C ALA A 354 2.20 5.01 0.62
N SER A 355 3.09 4.20 1.18
CA SER A 355 4.52 4.53 1.33
C SER A 355 5.32 4.28 0.04
N LEU A 356 6.64 4.26 0.12
CA LEU A 356 7.46 3.66 -0.95
C LEU A 356 7.11 2.18 -1.16
N TYR A 357 7.05 1.42 -0.07
CA TYR A 357 7.12 -0.04 -0.08
C TYR A 357 5.77 -0.73 -0.19
N GLN A 358 4.76 -0.24 0.53
CA GLN A 358 3.45 -0.89 0.70
C GLN A 358 2.30 0.12 0.82
N ALA A 359 1.11 -0.32 0.42
CA ALA A 359 -0.13 0.37 0.75
C ALA A 359 -0.56 0.05 2.19
N VAL A 360 -1.53 0.82 2.69
CA VAL A 360 -2.34 0.52 3.87
C VAL A 360 -3.78 0.92 3.52
N PRO A 361 -4.81 0.14 3.91
CA PRO A 361 -6.20 0.57 3.82
C PRO A 361 -6.53 1.57 4.94
N LEU A 362 -7.15 2.70 4.59
CA LEU A 362 -7.42 3.80 5.51
C LEU A 362 -8.59 3.56 6.48
N ARG A 363 -9.51 2.67 6.14
CA ARG A 363 -10.69 2.45 6.96
C ARG A 363 -10.62 1.04 7.47
N GLN A 364 -10.62 0.95 8.78
CA GLN A 364 -10.56 -0.36 9.41
C GLN A 364 -11.89 -0.78 9.98
N GLU A 365 -12.51 0.09 10.78
CA GLU A 365 -13.81 -0.19 11.44
C GLU A 365 -13.73 -1.38 12.35
N THR A 366 -12.50 -1.85 12.60
CA THR A 366 -12.25 -2.98 13.48
C THR A 366 -10.75 -2.92 13.56
N SER A 367 -10.18 -2.93 14.76
CA SER A 367 -8.74 -2.72 14.91
C SER A 367 -8.48 -1.43 14.19
N LEU A 368 -9.13 -0.36 14.65
CA LEU A 368 -8.99 0.95 14.02
C LEU A 368 -7.56 1.33 13.69
N LEU A 369 -7.36 1.98 12.55
CA LEU A 369 -6.01 2.42 12.22
C LEU A 369 -5.37 3.20 13.38
N LEU A 370 -4.17 2.84 13.82
CA LEU A 370 -3.43 3.70 14.74
C LEU A 370 -2.36 4.52 14.05
N VAL A 371 -2.33 5.80 14.43
CA VAL A 371 -1.46 6.85 13.94
C VAL A 371 -0.41 7.14 15.00
N GLY A 372 0.87 7.11 14.63
CA GLY A 372 1.91 7.39 15.61
C GLY A 372 2.31 8.85 15.67
N GLU A 373 2.26 9.48 16.84
CA GLU A 373 2.61 10.88 16.90
C GLU A 373 3.95 11.15 17.58
N ARG A 374 4.64 10.11 18.00
CA ARG A 374 5.88 10.35 18.73
C ARG A 374 6.88 11.13 17.90
N LEU A 375 6.71 11.21 16.59
CA LEU A 375 7.67 12.00 15.81
C LEU A 375 7.21 13.45 15.96
N ASN A 376 7.28 13.99 17.16
CA ASN A 376 6.76 15.32 17.47
C ASN A 376 7.66 16.06 18.47
N ALA A 377 8.02 17.30 18.13
CA ALA A 377 8.81 18.23 18.94
C ALA A 377 7.99 19.45 19.43
N THR A 378 6.72 19.57 19.04
CA THR A 378 5.81 20.66 19.39
C THR A 378 4.57 20.34 20.22
N GLY A 379 3.92 19.19 19.99
CA GLY A 379 2.95 18.52 20.86
C GLY A 379 3.55 17.39 21.74
N SER A 380 4.86 17.18 21.70
CA SER A 380 5.65 16.23 22.49
C SER A 380 7.12 16.66 22.43
N LYS A 381 7.99 16.08 23.27
CA LYS A 381 9.43 16.44 23.35
C LYS A 381 10.40 15.26 23.18
N ARG A 382 9.90 14.05 22.92
CA ARG A 382 10.82 12.95 22.65
C ARG A 382 11.67 13.26 21.43
N PHE A 383 11.02 13.65 20.34
CA PHE A 383 11.73 13.94 19.08
C PHE A 383 12.91 14.89 19.27
N ARG A 384 12.74 15.91 20.13
CA ARG A 384 13.68 17.03 20.31
C ARG A 384 15.03 16.62 20.90
N GLU A 385 15.12 15.55 21.68
CA GLU A 385 16.40 15.00 22.18
C GLU A 385 17.29 14.44 21.07
N LEU A 386 16.72 13.67 20.15
CA LEU A 386 17.46 12.99 19.08
C LEU A 386 17.71 13.88 17.89
N LEU A 387 16.74 14.67 17.47
CA LEU A 387 16.87 15.47 16.27
C LEU A 387 17.63 16.77 16.41
N PHE A 388 18.27 17.04 17.54
CA PHE A 388 18.74 18.41 17.73
C PHE A 388 19.98 18.80 16.91
N ALA A 389 20.99 17.93 16.84
CA ALA A 389 22.21 18.18 16.07
C ALA A 389 22.07 18.05 14.54
N GLY A 390 20.91 17.60 14.04
CA GLY A 390 20.71 17.11 12.68
C GLY A 390 20.94 15.60 12.55
N ASP A 391 20.82 14.83 13.63
CA ASP A 391 21.04 13.37 13.65
C ASP A 391 19.83 12.60 13.09
N LEU A 392 19.76 12.53 11.77
CA LEU A 392 18.70 11.86 11.01
C LEU A 392 18.63 10.36 11.23
N GLU A 393 19.77 9.70 11.41
CA GLU A 393 19.85 8.29 11.77
C GLU A 393 19.06 7.95 13.04
N GLY A 394 18.87 8.93 13.94
CA GLY A 394 18.11 8.78 15.17
C GLY A 394 16.60 9.00 15.01
N ILE A 395 16.18 9.91 14.14
CA ILE A 395 14.76 10.18 13.92
C ILE A 395 14.08 8.99 13.21
N LEU A 396 14.80 8.26 12.36
CA LEU A 396 14.25 7.07 11.71
C LEU A 396 13.92 5.97 12.73
N ALA A 397 14.74 5.75 13.75
CA ALA A 397 14.42 4.78 14.79
C ALA A 397 13.09 5.11 15.50
N LEU A 398 12.86 6.39 15.82
CA LEU A 398 11.63 6.89 16.44
C LEU A 398 10.41 6.74 15.52
N ALA A 399 10.61 6.75 14.20
CA ALA A 399 9.57 6.46 13.23
C ALA A 399 9.22 4.95 13.18
N GLN A 400 10.20 4.09 12.92
CA GLN A 400 10.00 2.64 12.78
C GLN A 400 9.51 1.99 14.08
N GLU A 401 10.00 2.41 15.25
CA GLU A 401 9.58 1.81 16.53
C GLU A 401 8.07 1.93 16.78
N GLN A 402 7.41 2.96 16.25
CA GLN A 402 5.96 3.09 16.33
C GLN A 402 5.20 2.07 15.45
N VAL A 403 5.77 1.56 14.35
CA VAL A 403 5.10 0.50 13.60
C VAL A 403 5.17 -0.81 14.35
N ALA A 404 6.34 -1.12 14.91
CA ALA A 404 6.45 -2.31 15.73
C ALA A 404 5.45 -2.13 16.85
N GLU A 405 5.34 -0.91 17.36
CA GLU A 405 4.39 -0.64 18.42
C GLU A 405 2.99 -1.02 17.94
N GLY A 406 2.64 -0.60 16.73
CA GLY A 406 1.34 -0.94 16.19
C GLY A 406 0.77 0.10 15.26
N ALA A 407 1.31 1.32 15.33
CA ALA A 407 0.78 2.40 14.50
C ALA A 407 1.31 2.34 13.06
N HIS A 408 0.39 2.34 12.09
CA HIS A 408 0.67 2.10 10.68
C HIS A 408 0.46 3.32 9.76
N VAL A 409 0.29 4.51 10.32
CA VAL A 409 0.56 5.80 9.68
C VAL A 409 1.32 6.62 10.72
N LEU A 410 2.38 7.35 10.38
CA LEU A 410 3.13 8.13 11.39
C LEU A 410 2.90 9.61 11.23
N ASP A 411 2.75 10.34 12.33
CA ASP A 411 2.54 11.79 12.28
C ASP A 411 3.80 12.56 12.73
N LEU A 412 4.31 13.44 11.86
CA LEU A 412 5.62 14.08 11.92
C LEU A 412 5.53 15.61 12.14
N SER A 413 6.26 16.06 13.18
CA SER A 413 6.37 17.50 13.45
C SER A 413 7.75 17.90 14.07
N VAL A 414 8.63 18.62 13.35
CA VAL A 414 9.95 18.95 13.94
C VAL A 414 10.02 20.39 14.46
N ALA A 415 8.91 21.13 14.37
CA ALA A 415 8.83 22.52 14.79
C ALA A 415 9.17 22.77 16.27
N TRP A 416 10.01 23.77 16.54
CA TRP A 416 10.55 24.13 17.85
C TRP A 416 10.97 25.61 17.86
N THR A 417 11.17 26.20 19.03
CA THR A 417 11.72 27.57 19.17
C THR A 417 13.19 27.63 18.74
N GLY A 418 13.56 28.64 17.95
CA GLY A 418 14.96 28.88 17.60
C GLY A 418 15.54 27.87 16.60
N ARG A 419 14.71 27.43 15.65
CA ARG A 419 15.02 26.43 14.61
C ARG A 419 14.04 26.59 13.44
N ASP A 420 14.54 26.68 12.20
CA ASP A 420 13.71 26.83 11.00
C ASP A 420 13.14 25.49 10.53
N GLU A 421 11.86 25.20 10.79
CA GLU A 421 11.28 23.90 10.45
C GLU A 421 11.34 23.60 8.95
N LEU A 422 11.26 24.59 8.05
CA LEU A 422 11.22 24.32 6.60
C LEU A 422 12.60 23.95 6.04
N GLU A 423 13.67 24.47 6.62
CA GLU A 423 15.00 23.94 6.33
C GLU A 423 15.19 22.59 7.02
N ASP A 424 14.78 22.45 8.28
CA ASP A 424 14.88 21.15 8.97
C ASP A 424 14.21 20.06 8.15
N MET A 425 13.03 20.33 7.63
CA MET A 425 12.26 19.40 6.81
C MET A 425 12.99 18.91 5.54
N LYS A 426 13.95 19.67 4.99
CA LYS A 426 14.85 19.17 3.93
C LYS A 426 15.59 17.94 4.45
N ARG A 427 16.22 18.09 5.61
CA ARG A 427 17.04 17.06 6.23
C ARG A 427 16.19 15.88 6.70
N VAL A 428 15.13 16.14 7.45
CA VAL A 428 14.19 15.12 7.98
C VAL A 428 13.72 14.13 6.92
N LEU A 429 13.12 14.61 5.83
CA LEU A 429 12.59 13.71 4.81
C LEU A 429 13.66 12.98 4.02
N SER A 430 14.87 13.53 3.87
CA SER A 430 15.97 12.83 3.16
C SER A 430 16.28 11.45 3.75
N LYS A 431 16.03 11.25 5.06
CA LYS A 431 16.10 9.93 5.69
C LYS A 431 14.73 9.23 5.73
N LEU A 432 13.66 9.91 6.13
CA LEU A 432 12.36 9.24 6.32
C LEU A 432 11.71 8.68 5.04
N ALA A 433 11.79 9.39 3.91
CA ALA A 433 11.07 9.08 2.67
C ALA A 433 11.34 7.69 2.06
N THR A 434 12.54 7.15 2.26
CA THR A 434 12.98 5.84 1.75
C THR A 434 13.26 4.82 2.87
N GLY A 435 13.28 5.26 4.13
CA GLY A 435 13.42 4.36 5.28
C GLY A 435 12.10 3.80 5.79
N VAL A 436 11.08 4.65 6.01
CA VAL A 436 9.84 4.21 6.68
C VAL A 436 8.96 3.38 5.74
N THR A 437 8.49 2.24 6.24
CA THR A 437 7.65 1.30 5.47
C THR A 437 6.18 1.68 5.40
N VAL A 438 5.70 2.61 6.22
CA VAL A 438 4.28 2.99 6.35
C VAL A 438 4.04 4.44 5.95
N PRO A 439 2.81 4.84 5.56
CA PRO A 439 2.53 6.20 5.12
C PRO A 439 2.78 7.29 6.17
N PHE A 440 2.67 8.55 5.76
CA PHE A 440 2.95 9.71 6.61
C PHE A 440 1.74 10.61 6.81
N MET A 441 1.73 11.24 7.96
CA MET A 441 0.86 12.30 8.46
C MET A 441 1.78 13.44 8.93
N VAL A 442 1.28 14.69 8.82
CA VAL A 442 2.14 15.87 9.12
C VAL A 442 1.59 16.97 10.00
N ASP A 443 1.96 16.91 11.26
CA ASP A 443 1.63 17.89 12.28
C ASP A 443 2.51 19.15 12.21
N SER A 444 3.58 19.17 11.38
CA SER A 444 4.45 20.39 11.21
C SER A 444 3.67 21.63 10.78
N THR A 445 4.08 22.84 11.19
CA THR A 445 3.14 23.96 11.33
C THR A 445 2.85 24.73 10.03
N SER A 446 3.89 25.19 9.32
CA SER A 446 3.76 26.02 8.12
C SER A 446 3.26 25.21 6.91
N PRO A 447 2.18 25.64 6.23
CA PRO A 447 1.78 25.10 4.95
C PRO A 447 2.84 25.19 3.83
N GLU A 448 3.99 25.83 4.02
CA GLU A 448 5.10 25.67 3.05
C GLU A 448 5.73 24.27 3.12
N VAL A 449 5.70 23.59 4.28
CA VAL A 449 6.06 22.17 4.37
C VAL A 449 5.03 21.30 3.62
N MET A 450 3.80 21.81 3.44
CA MET A 450 2.78 21.10 2.64
C MET A 450 3.31 20.91 1.24
N GLU A 451 4.01 21.88 0.69
CA GLU A 451 4.67 21.74 -0.61
C GLU A 451 5.99 20.98 -0.49
N GLU A 452 6.93 21.34 0.38
CA GLU A 452 8.27 20.72 0.37
C GLU A 452 8.24 19.24 0.75
N ALA A 453 7.34 18.81 1.62
CA ALA A 453 7.23 17.41 1.96
C ALA A 453 6.68 16.57 0.79
N LEU A 454 5.68 17.11 0.07
CA LEU A 454 5.14 16.52 -1.15
C LEU A 454 6.10 16.60 -2.37
N LYS A 455 7.25 17.29 -2.23
CA LYS A 455 8.42 17.27 -3.12
C LYS A 455 9.58 16.39 -2.62
N ARG A 456 9.42 15.60 -1.55
CA ARG A 456 10.45 14.67 -1.03
C ARG A 456 9.91 13.31 -0.60
N LEU A 457 8.59 13.16 -0.52
CA LEU A 457 7.86 11.92 -0.21
C LEU A 457 7.36 11.18 -1.47
N PRO A 458 7.56 9.85 -1.57
CA PRO A 458 6.87 9.01 -2.53
C PRO A 458 5.37 8.90 -2.25
N GLY A 459 4.66 8.10 -3.07
CA GLY A 459 3.38 7.51 -2.69
C GLY A 459 2.27 8.53 -2.42
N ARG A 460 1.45 8.23 -1.42
CA ARG A 460 0.33 9.06 -0.94
C ARG A 460 0.49 9.20 0.57
N ALA A 461 0.37 10.42 1.07
CA ALA A 461 0.46 10.74 2.48
C ALA A 461 -0.83 11.44 2.93
N ILE A 462 -0.82 11.97 4.15
CA ILE A 462 -1.80 12.91 4.72
C ILE A 462 -1.07 13.99 5.53
N LEU A 463 -1.75 15.11 5.72
CA LEU A 463 -1.14 16.25 6.37
C LEU A 463 -2.14 16.86 7.29
N ASN A 464 -1.68 17.40 8.42
CA ASN A 464 -2.57 18.01 9.39
C ASN A 464 -2.59 19.49 9.15
N SER A 465 -2.78 19.89 7.90
CA SER A 465 -2.75 21.30 7.57
C SER A 465 -4.15 21.86 7.67
N ALA A 466 -5.16 20.98 7.75
CA ALA A 466 -6.48 21.55 7.87
C ALA A 466 -6.86 21.88 9.35
N ASN A 467 -6.00 22.62 10.03
CA ASN A 467 -6.23 23.02 11.37
C ASN A 467 -7.13 24.23 11.39
N LEU A 468 -7.64 24.67 10.20
CA LEU A 468 -8.51 25.89 10.05
C LEU A 468 -8.06 26.91 11.04
N GLU A 469 -6.77 27.07 11.21
CA GLU A 469 -6.18 27.85 12.31
C GLU A 469 -5.84 29.29 11.92
N ASP A 470 -5.59 29.51 10.62
CA ASP A 470 -5.42 30.83 9.98
C ASP A 470 -6.62 31.23 9.09
N GLY A 471 -7.77 30.56 9.26
CA GLY A 471 -9.02 30.85 8.55
C GLY A 471 -9.19 30.19 7.18
N LEU A 472 -10.38 30.40 6.59
CA LEU A 472 -10.83 29.74 5.34
C LEU A 472 -9.88 29.98 4.16
N GLU A 473 -9.28 31.15 4.08
CA GLU A 473 -8.30 31.38 3.02
C GLU A 473 -7.21 30.33 3.11
N LYS A 474 -6.55 30.25 4.25
CA LYS A 474 -5.44 29.29 4.43
C LYS A 474 -5.91 27.86 4.20
N PHE A 475 -7.10 27.51 4.67
CA PHE A 475 -7.69 26.18 4.48
C PHE A 475 -7.91 25.84 2.99
N ASP A 476 -8.49 26.71 2.17
CA ASP A 476 -8.76 26.37 0.76
C ASP A 476 -7.45 26.13 -0.04
N ARG A 477 -6.39 26.92 0.21
CA ARG A 477 -5.06 26.64 -0.35
C ARG A 477 -4.46 25.36 0.22
N VAL A 478 -4.48 25.11 1.54
CA VAL A 478 -4.12 23.82 2.14
C VAL A 478 -4.83 22.65 1.44
N ALA A 479 -6.14 22.72 1.23
CA ALA A 479 -6.94 21.73 0.50
C ALA A 479 -6.55 21.63 -0.99
N SER A 480 -6.13 22.73 -1.63
CA SER A 480 -5.58 22.72 -2.99
C SER A 480 -4.21 22.05 -3.02
N LEU A 481 -3.28 22.40 -2.13
CA LEU A 481 -1.94 21.77 -2.00
C LEU A 481 -2.07 20.28 -1.72
N ALA A 482 -3.17 19.98 -1.09
CA ALA A 482 -3.36 18.62 -0.73
C ALA A 482 -3.26 17.82 -2.01
N LYS A 483 -3.77 18.38 -3.11
CA LYS A 483 -3.82 17.62 -4.36
C LYS A 483 -3.05 18.09 -5.54
N ALA A 484 -2.84 19.39 -5.61
CA ALA A 484 -1.93 19.95 -6.59
C ALA A 484 -0.61 19.22 -6.43
N HIS A 485 -0.33 18.73 -5.23
CA HIS A 485 0.89 17.97 -4.99
C HIS A 485 0.56 16.51 -4.73
N GLY A 486 -0.38 15.96 -5.48
CA GLY A 486 -0.76 14.56 -5.33
C GLY A 486 -1.93 14.39 -4.35
N ALA A 487 -1.65 13.84 -3.17
CA ALA A 487 -2.66 13.55 -2.15
C ALA A 487 -2.20 13.50 -0.69
N ALA A 488 -2.68 14.53 0.07
CA ALA A 488 -2.30 14.65 1.49
C ALA A 488 -3.12 15.60 2.41
N LEU A 489 -4.12 15.13 3.16
CA LEU A 489 -4.76 15.94 4.23
C LEU A 489 -5.39 15.11 5.38
N VAL A 490 -5.62 15.74 6.53
CA VAL A 490 -6.51 15.37 7.65
C VAL A 490 -7.30 16.61 8.06
N ALA A 491 -8.60 16.48 8.33
CA ALA A 491 -9.39 17.53 8.97
C ALA A 491 -9.08 17.59 10.47
N LEU A 492 -8.84 18.77 10.96
CA LEU A 492 -8.67 18.90 12.38
C LEU A 492 -9.63 19.96 12.87
N ALA A 493 -10.30 19.71 13.99
CA ALA A 493 -11.32 20.62 14.54
C ALA A 493 -10.79 21.76 15.46
N ILE A 494 -9.49 22.04 15.43
CA ILE A 494 -8.94 23.36 15.78
C ILE A 494 -9.55 24.39 14.82
N ASP A 495 -9.59 25.69 15.12
CA ASP A 495 -9.99 26.67 14.10
C ASP A 495 -9.56 28.12 14.39
N GLU A 496 -9.82 28.98 13.42
CA GLU A 496 -9.48 30.39 13.58
C GLU A 496 -9.94 30.86 14.94
N GLU A 497 -11.04 30.31 15.43
CA GLU A 497 -11.52 30.68 16.75
C GLU A 497 -10.70 29.93 17.79
N GLY A 498 -10.56 28.62 17.63
CA GLY A 498 -9.78 27.82 18.56
C GLY A 498 -10.30 26.39 18.67
N MET A 499 -10.23 25.85 19.86
CA MET A 499 -10.62 24.48 20.01
C MET A 499 -12.14 24.34 20.27
N ALA A 500 -12.94 24.00 19.25
CA ALA A 500 -14.38 23.83 19.34
C ALA A 500 -14.58 23.13 20.67
N LYS A 501 -15.33 23.72 21.58
CA LYS A 501 -15.71 23.04 22.81
C LYS A 501 -17.20 22.74 22.72
N THR A 502 -17.99 23.72 22.28
CA THR A 502 -19.43 23.43 22.05
C THR A 502 -19.67 22.77 20.68
N ARG A 503 -20.50 21.72 20.65
CA ARG A 503 -20.64 20.93 19.41
C ARG A 503 -21.22 21.60 18.16
N VAL A 504 -22.13 22.55 18.31
CA VAL A 504 -22.63 23.28 17.12
C VAL A 504 -21.49 23.91 16.31
N LYS A 505 -20.51 24.54 16.98
CA LYS A 505 -19.29 25.06 16.34
C LYS A 505 -18.36 23.94 15.83
N LYS A 506 -18.34 22.78 16.50
CA LYS A 506 -17.56 21.60 16.08
C LYS A 506 -18.10 20.97 14.80
N VAL A 507 -19.39 20.72 14.67
CA VAL A 507 -19.96 20.21 13.41
C VAL A 507 -19.90 21.28 12.31
N GLU A 508 -19.97 22.57 12.65
CA GLU A 508 -19.62 23.65 11.73
C GLU A 508 -18.17 23.62 11.22
N VAL A 509 -17.25 22.84 11.82
CA VAL A 509 -15.97 22.50 11.16
C VAL A 509 -16.28 21.70 9.90
N ALA A 510 -16.92 20.54 10.02
CA ALA A 510 -17.25 19.68 8.89
C ALA A 510 -18.05 20.44 7.80
N LEU A 511 -18.99 21.30 8.20
CA LEU A 511 -19.73 22.15 7.25
C LEU A 511 -18.84 23.14 6.50
N ARG A 512 -17.90 23.82 7.18
CA ARG A 512 -16.93 24.74 6.54
C ARG A 512 -16.03 24.02 5.55
N MET A 513 -15.44 22.90 5.97
CA MET A 513 -14.38 22.22 5.21
C MET A 513 -14.84 21.08 4.28
N TYR A 514 -15.21 19.96 4.88
CA TYR A 514 -15.43 18.74 4.09
C TYR A 514 -16.09 18.77 2.72
N GLU A 515 -17.28 19.32 2.66
CA GLU A 515 -18.00 19.37 1.38
C GLU A 515 -17.14 19.98 0.27
N ARG A 516 -16.54 21.15 0.52
CA ARG A 516 -15.62 21.77 -0.44
C ARG A 516 -14.27 21.04 -0.53
N LEU A 517 -13.84 20.34 0.52
CA LEU A 517 -12.65 19.50 0.47
C LEU A 517 -12.82 18.36 -0.53
N THR A 518 -13.81 17.47 -0.37
CA THR A 518 -13.97 16.40 -1.34
C THR A 518 -14.47 16.93 -2.68
N GLU A 519 -15.54 17.73 -2.70
CA GLU A 519 -16.24 18.11 -3.94
C GLU A 519 -15.81 19.45 -4.56
N HIS A 520 -14.79 20.13 -4.01
CA HIS A 520 -13.99 21.11 -4.77
C HIS A 520 -12.47 20.85 -4.73
N HIS A 521 -11.94 19.94 -3.89
CA HIS A 521 -10.48 19.68 -3.74
C HIS A 521 -10.05 18.19 -3.73
N GLY A 522 -10.84 17.30 -4.32
CA GLY A 522 -10.38 16.01 -4.87
C GLY A 522 -10.17 14.83 -3.90
N LEU A 523 -9.71 15.03 -2.67
CA LEU A 523 -9.57 13.93 -1.70
C LEU A 523 -10.94 13.46 -1.21
N ARG A 524 -11.27 12.20 -1.46
CA ARG A 524 -12.50 11.50 -1.04
C ARG A 524 -12.63 11.46 0.49
N PRO A 525 -13.81 11.13 1.05
CA PRO A 525 -13.90 10.72 2.46
C PRO A 525 -12.91 9.58 2.79
N GLU A 526 -12.77 8.64 1.87
CA GLU A 526 -11.90 7.48 2.00
C GLU A 526 -10.40 7.81 1.83
N ASP A 527 -10.07 9.08 1.66
CA ASP A 527 -8.71 9.64 1.53
C ASP A 527 -8.28 10.51 2.70
N LEU A 528 -9.16 10.68 3.68
CA LEU A 528 -9.04 11.63 4.77
C LEU A 528 -9.31 10.93 6.09
N LEU A 529 -8.73 11.45 7.15
CA LEU A 529 -9.23 11.19 8.51
C LEU A 529 -10.15 12.37 8.94
N PHE A 530 -10.69 12.36 10.15
CA PHE A 530 -11.31 13.54 10.76
C PHE A 530 -11.02 13.56 12.26
N ASP A 531 -10.62 14.71 12.83
CA ASP A 531 -10.02 14.79 14.17
C ASP A 531 -10.65 15.86 15.05
N LEU A 532 -10.96 15.49 16.30
CA LEU A 532 -11.69 16.27 17.29
C LEU A 532 -10.76 16.49 18.51
N LEU A 533 -10.80 17.68 19.13
CA LEU A 533 -9.66 18.21 19.90
C LEU A 533 -9.03 17.26 20.91
N THR A 534 -9.86 16.47 21.61
CA THR A 534 -9.41 15.60 22.69
C THR A 534 -8.79 16.42 23.85
N PHE A 535 -9.36 17.59 24.12
CA PHE A 535 -8.85 18.48 25.17
C PHE A 535 -8.95 17.91 26.59
N PRO A 536 -8.33 18.58 27.57
CA PRO A 536 -8.34 18.06 28.94
C PRO A 536 -9.71 18.16 29.61
N ILE A 537 -10.16 17.10 30.28
CA ILE A 537 -11.36 17.15 31.13
C ILE A 537 -11.02 17.26 32.62
N THR A 538 -9.88 16.70 33.01
CA THR A 538 -9.57 16.27 34.37
C THR A 538 -8.98 17.33 35.28
N GLN A 539 -8.82 18.57 34.83
CA GLN A 539 -8.42 19.68 35.72
C GLN A 539 -9.45 19.96 36.83
N GLY A 540 -10.66 19.43 36.70
CA GLY A 540 -11.70 19.45 37.75
C GLY A 540 -12.61 20.67 37.72
N ASP A 541 -12.42 21.57 36.78
CA ASP A 541 -13.28 22.74 36.59
C ASP A 541 -14.62 22.34 35.96
N GLU A 542 -15.68 23.06 36.29
CA GLU A 542 -16.99 22.87 35.66
C GLU A 542 -17.03 23.31 34.18
N GLU A 543 -15.97 23.94 33.67
CA GLU A 543 -15.67 23.99 32.23
C GLU A 543 -15.19 22.64 31.70
N THR A 544 -14.23 21.99 32.36
CA THR A 544 -13.47 20.87 31.79
C THR A 544 -14.12 19.53 32.02
N ARG A 545 -14.70 19.28 33.20
CA ARG A 545 -15.20 17.95 33.59
C ARG A 545 -16.04 17.22 32.54
N PRO A 546 -16.98 17.85 31.80
CA PRO A 546 -17.81 17.10 30.85
C PRO A 546 -17.13 16.73 29.54
N LEU A 547 -16.03 17.37 29.15
CA LEU A 547 -15.65 17.52 27.73
C LEU A 547 -15.44 16.24 26.91
N ALA A 548 -15.15 15.09 27.51
CA ALA A 548 -15.08 13.82 26.76
C ALA A 548 -16.45 13.44 26.18
N ARG A 549 -17.54 13.79 26.86
CA ARG A 549 -18.91 13.72 26.36
C ARG A 549 -19.04 14.52 25.07
N GLU A 550 -18.38 15.67 25.00
CA GLU A 550 -18.54 16.51 23.82
C GLU A 550 -17.95 15.80 22.65
N THR A 551 -16.77 15.26 22.85
CA THR A 551 -16.14 14.47 21.80
C THR A 551 -16.95 13.23 21.42
N LEU A 552 -17.49 12.43 22.35
CA LEU A 552 -18.24 11.23 21.93
C LEU A 552 -19.54 11.57 21.22
N LEU A 553 -20.31 12.53 21.71
CA LEU A 553 -21.56 12.92 21.04
C LEU A 553 -21.30 13.55 19.67
N ALA A 554 -20.23 14.32 19.56
CA ALA A 554 -19.85 14.87 18.28
C ALA A 554 -19.40 13.75 17.35
N LEU A 555 -18.41 12.97 17.78
CA LEU A 555 -17.92 11.86 16.97
C LEU A 555 -19.09 11.13 16.37
N GLU A 556 -20.03 10.72 17.21
CA GLU A 556 -21.20 10.02 16.74
C GLU A 556 -21.96 10.89 15.77
N GLU A 557 -22.30 12.10 16.20
CA GLU A 557 -23.04 13.04 15.36
C GLU A 557 -22.35 13.28 14.03
N LEU A 558 -21.07 12.90 13.93
CA LEU A 558 -20.25 13.10 12.72
C LEU A 558 -20.11 11.85 11.86
N ARG A 559 -19.92 10.67 12.45
CA ARG A 559 -19.92 9.44 11.66
C ARG A 559 -21.30 9.35 11.17
N GLU A 560 -22.15 10.17 11.73
CA GLU A 560 -23.56 10.10 11.38
C GLU A 560 -23.68 10.42 9.92
N ARG A 561 -22.65 11.05 9.42
CA ARG A 561 -22.76 11.44 8.05
C ARG A 561 -21.42 11.32 7.42
N LEU A 562 -20.47 10.63 8.03
CA LEU A 562 -19.17 10.47 7.40
C LEU A 562 -18.84 9.01 7.16
N PRO A 563 -19.61 8.35 6.27
CA PRO A 563 -19.14 6.95 6.10
C PRO A 563 -17.78 6.83 5.42
N GLY A 564 -17.02 5.73 5.49
CA GLY A 564 -15.74 5.61 4.75
C GLY A 564 -14.56 6.35 5.37
N VAL A 565 -14.80 7.46 6.04
CA VAL A 565 -13.83 8.34 6.72
C VAL A 565 -13.24 7.66 7.96
N GLY A 566 -11.92 7.67 8.09
CA GLY A 566 -11.24 7.19 9.29
C GLY A 566 -11.21 8.24 10.38
N PHE A 567 -12.20 8.27 11.27
CA PHE A 567 -12.19 9.22 12.39
C PHE A 567 -10.96 9.02 13.28
N VAL A 568 -10.16 10.06 13.52
CA VAL A 568 -8.90 9.95 14.25
C VAL A 568 -8.83 10.91 15.43
N LEU A 569 -8.63 10.39 16.64
CA LEU A 569 -8.70 11.17 17.88
C LEU A 569 -7.37 11.07 18.62
N GLY A 570 -6.94 12.16 19.25
CA GLY A 570 -5.67 12.27 19.96
C GLY A 570 -5.79 11.84 21.41
N VAL A 571 -6.12 10.56 21.63
CA VAL A 571 -6.69 10.03 22.88
C VAL A 571 -5.96 10.51 24.13
N SER A 572 -4.63 10.54 24.07
CA SER A 572 -3.67 10.92 25.11
C SER A 572 -4.00 12.21 25.87
N ASN A 573 -4.78 13.11 25.27
CA ASN A 573 -5.02 14.47 25.73
C ASN A 573 -6.35 14.69 26.48
N VAL A 574 -7.27 13.71 26.47
CA VAL A 574 -8.54 13.82 27.22
C VAL A 574 -8.27 13.85 28.72
N SER A 575 -7.33 13.04 29.16
CA SER A 575 -6.88 12.97 30.53
C SER A 575 -5.58 13.74 30.64
N PHE A 576 -5.70 15.00 31.06
CA PHE A 576 -4.56 15.90 31.27
C PHE A 576 -4.74 16.72 32.59
N GLY A 577 -3.68 17.02 33.36
CA GLY A 577 -3.81 17.74 34.63
C GLY A 577 -4.27 16.85 35.79
N LEU A 578 -4.06 15.53 35.69
CA LEU A 578 -4.24 14.59 36.80
C LEU A 578 -3.21 13.43 36.81
N LYS A 579 -3.21 12.69 37.91
CA LYS A 579 -2.40 11.49 38.15
C LYS A 579 -2.40 10.43 37.02
N PRO A 580 -1.25 9.86 36.64
CA PRO A 580 -1.12 9.08 35.40
C PRO A 580 -1.97 7.83 35.21
N LYS A 581 -2.42 7.15 36.27
CA LYS A 581 -3.20 5.90 36.16
C LYS A 581 -4.61 6.20 35.64
N ALA A 582 -5.19 7.27 36.13
CA ALA A 582 -6.39 7.89 35.60
C ALA A 582 -6.23 8.41 34.17
N ARG A 583 -5.00 8.54 33.64
CA ARG A 583 -4.77 8.79 32.21
C ARG A 583 -4.97 7.50 31.42
N ARG A 584 -4.32 6.39 31.78
CA ARG A 584 -4.56 5.09 31.12
C ARG A 584 -6.05 4.78 31.09
N VAL A 585 -6.71 4.79 32.24
CA VAL A 585 -8.10 4.34 32.37
C VAL A 585 -9.09 5.28 31.71
N LEU A 586 -9.00 6.60 31.88
CA LEU A 586 -9.93 7.48 31.18
C LEU A 586 -9.67 7.47 29.68
N ASN A 587 -8.41 7.43 29.22
CA ASN A 587 -8.10 7.42 27.79
C ASN A 587 -8.65 6.16 27.14
N SER A 588 -8.42 5.02 27.81
CA SER A 588 -8.91 3.72 27.41
C SER A 588 -10.41 3.74 27.20
N VAL A 589 -11.20 4.03 28.23
CA VAL A 589 -12.67 3.97 28.17
C VAL A 589 -13.26 5.06 27.26
N PHE A 590 -12.56 6.17 27.07
CA PHE A 590 -12.90 7.14 26.05
C PHE A 590 -12.74 6.55 24.65
N LEU A 591 -11.56 5.97 24.34
CA LEU A 591 -11.26 5.36 23.04
C LEU A 591 -12.16 4.16 22.72
N ASP A 592 -12.37 3.33 23.72
CA ASP A 592 -13.08 2.08 23.56
C ASP A 592 -14.59 2.24 23.66
N GLU A 593 -15.12 3.37 24.14
CA GLU A 593 -16.45 3.78 23.71
C GLU A 593 -16.44 4.52 22.38
N ALA A 594 -15.38 5.26 22.03
CA ALA A 594 -15.30 5.97 20.76
C ALA A 594 -15.48 5.06 19.55
N ARG A 595 -14.96 3.84 19.55
CA ARG A 595 -15.25 2.96 18.43
C ARG A 595 -16.77 2.71 18.31
N LYS A 596 -17.44 2.39 19.41
CA LYS A 596 -18.88 2.12 19.43
C LYS A 596 -19.68 3.32 18.98
N LYS A 597 -19.21 4.51 19.32
CA LYS A 597 -19.74 5.80 18.88
C LYS A 597 -19.24 6.24 17.50
N GLY A 598 -18.38 5.44 16.84
CA GLY A 598 -18.01 5.75 15.45
C GLY A 598 -16.60 5.92 15.00
N LEU A 599 -15.68 5.53 15.84
CA LEU A 599 -14.25 5.72 15.54
C LEU A 599 -13.66 4.62 14.66
N THR A 600 -12.64 4.99 13.84
CA THR A 600 -11.95 4.04 12.92
C THR A 600 -10.44 4.24 12.86
N ALA A 601 -9.94 5.38 13.31
CA ALA A 601 -8.52 5.61 13.50
C ALA A 601 -8.23 6.30 14.84
N ALA A 602 -7.01 6.33 15.34
CA ALA A 602 -6.66 7.19 16.48
C ALA A 602 -5.19 7.59 16.48
N ILE A 603 -4.87 8.80 16.96
CA ILE A 603 -3.51 9.23 17.26
C ILE A 603 -3.22 8.82 18.68
N VAL A 604 -2.22 7.96 18.82
CA VAL A 604 -2.01 7.16 20.02
C VAL A 604 -0.53 6.98 20.28
N ASP A 605 -0.21 6.77 21.55
CA ASP A 605 0.95 6.02 21.97
C ASP A 605 0.42 4.84 22.79
N ALA A 606 0.75 3.60 22.44
CA ALA A 606 0.18 2.42 23.11
C ALA A 606 0.49 2.35 24.61
N GLY A 607 1.52 3.05 25.09
CA GLY A 607 1.80 3.18 26.52
C GLY A 607 0.76 3.98 27.32
N LYS A 608 -0.15 4.71 26.65
CA LYS A 608 -1.12 5.62 27.28
C LYS A 608 -2.59 5.38 26.93
N ILE A 609 -2.92 4.12 26.69
CA ILE A 609 -4.26 3.49 26.75
C ILE A 609 -4.13 2.05 27.27
N LEU A 610 -5.25 1.43 27.64
CA LEU A 610 -5.41 0.00 27.91
C LEU A 610 -6.78 -0.47 27.37
N PRO A 611 -7.12 -1.77 27.27
CA PRO A 611 -8.40 -2.20 26.69
C PRO A 611 -9.55 -2.18 27.70
N ILE A 612 -10.73 -1.75 27.26
CA ILE A 612 -11.96 -1.63 28.07
C ILE A 612 -12.44 -2.94 28.70
N SER A 613 -12.04 -4.08 28.14
CA SER A 613 -12.26 -5.41 28.71
C SER A 613 -11.47 -5.66 30.00
N GLN A 614 -10.30 -5.04 30.17
CA GLN A 614 -9.51 -5.18 31.39
C GLN A 614 -10.15 -4.47 32.60
N ILE A 615 -10.75 -3.29 32.38
CA ILE A 615 -11.05 -2.29 33.43
C ILE A 615 -11.91 -2.87 34.56
N PRO A 616 -11.56 -2.68 35.85
CA PRO A 616 -12.36 -3.18 36.97
C PRO A 616 -13.80 -2.69 36.91
N GLU A 617 -14.79 -3.49 37.30
CA GLU A 617 -16.21 -3.18 37.05
C GLU A 617 -16.64 -1.82 37.62
N GLU A 618 -16.18 -1.51 38.84
CA GLU A 618 -16.39 -0.19 39.47
C GLU A 618 -15.65 0.91 38.70
N ALA A 619 -14.39 0.69 38.33
CA ALA A 619 -13.59 1.64 37.56
C ALA A 619 -14.19 1.92 36.18
N TYR A 620 -14.82 0.95 35.54
CA TYR A 620 -15.48 1.11 34.26
C TYR A 620 -16.77 1.92 34.43
N ALA A 621 -17.57 1.61 35.44
CA ALA A 621 -18.75 2.40 35.78
C ALA A 621 -18.37 3.85 36.12
N LEU A 622 -17.33 4.05 36.93
CA LEU A 622 -16.70 5.34 37.20
C LEU A 622 -16.28 6.02 35.90
N ALA A 623 -15.48 5.36 35.07
CA ALA A 623 -14.91 5.97 33.89
C ALA A 623 -15.97 6.38 32.88
N LEU A 624 -17.03 5.60 32.67
CA LEU A 624 -18.15 6.04 31.85
C LEU A 624 -18.85 7.26 32.44
N ASP A 625 -19.28 7.21 33.71
CA ASP A 625 -19.99 8.36 34.27
C ASP A 625 -19.06 9.56 34.56
N LEU A 626 -17.73 9.39 34.52
CA LEU A 626 -16.75 10.47 34.39
C LEU A 626 -16.65 11.00 32.95
N ILE A 627 -16.65 10.14 31.93
CA ILE A 627 -16.66 10.59 30.53
C ILE A 627 -17.94 11.37 30.23
N TYR A 628 -19.05 11.02 30.87
CA TYR A 628 -20.28 11.78 30.77
C TYR A 628 -20.39 12.92 31.79
N ASP A 629 -19.63 12.87 32.89
CA ASP A 629 -19.87 13.66 34.10
C ASP A 629 -21.32 13.50 34.60
N ARG A 630 -21.78 12.25 34.49
CA ARG A 630 -23.11 11.93 34.94
C ARG A 630 -22.96 11.73 36.42
N ARG A 631 -22.98 12.82 37.17
CA ARG A 631 -22.76 12.74 38.62
C ARG A 631 -24.03 12.55 39.47
N GLU A 632 -23.99 11.56 40.37
CA GLU A 632 -24.94 11.34 41.47
C GLU A 632 -24.26 10.54 42.60
N GLY A 633 -24.68 10.74 43.85
CA GLY A 633 -24.15 10.06 45.05
C GLY A 633 -22.77 10.55 45.49
N GLN A 634 -21.85 10.62 44.51
CA GLN A 634 -20.53 11.17 44.75
C GLN A 634 -20.13 11.87 43.45
N ASP A 635 -19.04 12.64 43.46
CA ASP A 635 -18.55 13.27 42.22
C ASP A 635 -17.66 12.27 41.49
N PRO A 636 -17.79 12.18 40.16
CA PRO A 636 -17.05 11.15 39.44
C PRO A 636 -15.56 11.41 39.43
N LEU A 637 -15.12 12.67 39.31
CA LEU A 637 -13.69 12.95 39.24
C LEU A 637 -12.98 12.61 40.54
N PHE A 638 -13.37 13.18 41.68
CA PHE A 638 -12.65 12.88 42.92
C PHE A 638 -12.92 11.45 43.38
N ALA A 639 -14.07 10.86 43.03
CA ALA A 639 -14.28 9.42 43.17
C ALA A 639 -13.25 8.60 42.36
N PHE A 640 -12.99 9.08 41.17
CA PHE A 640 -12.03 8.40 40.36
C PHE A 640 -10.71 8.46 41.08
N ILE A 641 -10.12 9.65 41.16
CA ILE A 641 -8.82 9.82 41.82
C ILE A 641 -8.79 8.98 43.11
N ARG A 642 -9.77 9.11 44.02
CA ARG A 642 -9.73 8.34 45.27
C ARG A 642 -9.85 6.83 45.04
N PHE A 643 -10.49 6.40 43.96
CA PHE A 643 -10.47 5.00 43.54
C PHE A 643 -9.03 4.56 43.28
N PHE A 644 -8.25 5.30 42.49
CA PHE A 644 -6.85 4.92 42.30
C PHE A 644 -6.00 5.04 43.56
N GLU A 645 -6.33 5.94 44.50
CA GLU A 645 -5.68 5.97 45.82
C GLU A 645 -6.05 4.76 46.70
N GLU A 646 -7.23 4.18 46.53
CA GLU A 646 -7.69 2.99 47.24
C GLU A 646 -7.24 1.67 46.57
N HIS A 647 -7.11 1.67 45.25
CA HIS A 647 -6.89 0.48 44.40
C HIS A 647 -5.53 0.49 43.69
N LYS A 648 -4.51 1.09 44.32
CA LYS A 648 -3.15 1.31 43.79
C LYS A 648 -2.50 0.06 43.17
N GLU A 649 -2.61 -1.08 43.83
CA GLU A 649 -1.95 -2.32 43.38
C GLU A 649 -2.69 -3.08 42.27
N VAL A 650 -3.93 -2.68 41.93
CA VAL A 650 -4.75 -3.37 40.93
C VAL A 650 -4.23 -3.16 39.51
N LEU A 651 -4.04 -1.89 39.10
CA LEU A 651 -3.54 -1.54 37.77
C LEU A 651 -2.01 -1.36 37.78
N ALA A 652 -1.31 -2.35 38.32
CA ALA A 652 0.15 -2.37 38.51
C ALA A 652 0.71 -3.79 38.29
N GLU A 653 1.90 -4.07 38.85
CA GLU A 653 2.49 -5.43 38.85
C GLU A 653 1.82 -6.15 40.01
N ASP A 654 0.60 -6.58 39.82
CA ASP A 654 -0.24 -7.17 40.86
C ASP A 654 0.31 -8.51 41.40
N LYS A 655 0.66 -8.56 42.67
CA LYS A 655 1.23 -9.77 43.21
C LYS A 655 0.19 -10.78 43.68
N GLU A 656 -1.09 -10.44 43.63
CA GLU A 656 -2.13 -11.32 44.19
C GLU A 656 -3.40 -11.61 43.39
N ALA A 657 -4.27 -10.62 43.22
CA ALA A 657 -5.58 -10.93 42.62
C ALA A 657 -5.48 -11.42 41.16
N PHE A 658 -4.58 -10.83 40.38
CA PHE A 658 -4.25 -11.31 39.04
C PHE A 658 -3.60 -12.71 39.07
N GLN A 659 -2.69 -12.96 40.01
CA GLN A 659 -2.00 -14.26 40.17
C GLN A 659 -2.97 -15.38 40.59
N ALA A 660 -3.99 -15.04 41.38
CA ALA A 660 -5.02 -15.95 41.86
C ALA A 660 -6.02 -16.40 40.78
N LEU A 661 -6.06 -15.75 39.60
CA LEU A 661 -6.89 -16.20 38.48
C LEU A 661 -6.40 -17.54 37.91
N PRO A 662 -7.31 -18.43 37.45
CA PRO A 662 -6.94 -19.63 36.69
C PRO A 662 -6.10 -19.28 35.46
N VAL A 663 -5.10 -20.10 35.13
CA VAL A 663 -4.10 -19.76 34.11
C VAL A 663 -4.73 -19.51 32.75
N GLU A 664 -5.85 -20.15 32.40
CA GLU A 664 -6.56 -19.88 31.16
C GLU A 664 -7.12 -18.46 31.10
N GLU A 665 -7.54 -17.91 32.24
CA GLU A 665 -8.00 -16.53 32.28
C GLU A 665 -6.82 -15.64 32.29
N ARG A 666 -5.83 -16.02 33.06
CA ARG A 666 -4.58 -15.23 33.16
C ARG A 666 -3.92 -15.08 31.79
N LEU A 667 -3.79 -16.15 31.01
CA LEU A 667 -3.36 -16.13 29.62
C LEU A 667 -4.34 -15.35 28.76
N ARG A 668 -5.66 -15.54 28.90
CA ARG A 668 -6.65 -14.69 28.20
C ARG A 668 -6.38 -13.22 28.43
N ARG A 669 -6.14 -12.81 29.67
CA ARG A 669 -5.84 -11.42 30.05
C ARG A 669 -4.47 -10.95 29.56
N ARG A 670 -3.43 -11.79 29.59
CA ARG A 670 -2.14 -11.48 28.95
C ARG A 670 -2.31 -11.24 27.46
N VAL A 671 -3.15 -12.01 26.78
CA VAL A 671 -3.51 -11.80 25.37
C VAL A 671 -4.35 -10.52 25.19
N LEU A 672 -5.21 -10.15 26.13
CA LEU A 672 -6.00 -8.92 26.07
C LEU A 672 -5.14 -7.66 26.30
N GLU A 673 -4.48 -7.47 27.44
CA GLU A 673 -3.65 -6.26 27.67
C GLU A 673 -2.31 -6.28 26.91
N GLY A 674 -1.78 -7.49 26.72
CA GLY A 674 -0.47 -7.61 26.11
C GLY A 674 0.51 -7.77 27.25
N LYS A 675 0.07 -8.41 28.33
CA LYS A 675 0.93 -8.57 29.50
C LYS A 675 2.02 -9.59 29.26
N ARG A 676 3.27 -9.15 29.40
CA ARG A 676 4.40 -10.03 29.15
C ARG A 676 5.26 -10.27 30.36
N VAL A 677 5.19 -9.40 31.36
CA VAL A 677 5.98 -9.71 32.57
C VAL A 677 5.40 -10.95 33.26
N GLY A 678 6.12 -12.07 33.23
CA GLY A 678 5.64 -13.38 33.67
C GLY A 678 4.85 -14.18 32.64
N LEU A 679 4.70 -13.70 31.39
CA LEU A 679 4.08 -14.47 30.31
C LEU A 679 4.83 -15.78 30.05
N GLU A 680 6.16 -15.74 30.04
CA GLU A 680 7.02 -16.92 29.91
C GLU A 680 6.71 -17.95 31.01
N GLU A 681 6.51 -17.48 32.25
CA GLU A 681 6.28 -18.33 33.42
C GLU A 681 4.87 -18.93 33.46
N ASP A 682 3.85 -18.20 32.98
CA ASP A 682 2.50 -18.75 32.86
C ASP A 682 2.36 -19.76 31.71
N LEU A 683 3.06 -19.55 30.60
CA LEU A 683 3.15 -20.56 29.55
C LEU A 683 3.99 -21.77 30.02
N ALA A 684 5.06 -21.57 30.78
CA ALA A 684 5.79 -22.66 31.42
C ALA A 684 4.93 -23.42 32.44
N GLU A 685 4.06 -22.73 33.19
CA GLU A 685 3.07 -23.35 34.07
C GLU A 685 2.04 -24.18 33.27
N ALA A 686 1.49 -23.64 32.19
CA ALA A 686 0.58 -24.36 31.29
C ALA A 686 1.25 -25.61 30.66
N LEU A 687 2.49 -25.49 30.20
CA LEU A 687 3.31 -26.58 29.65
C LEU A 687 3.73 -27.61 30.72
N GLY A 688 3.83 -27.20 31.98
CA GLY A 688 4.00 -28.11 33.12
C GLY A 688 2.74 -28.92 33.44
N ARG A 689 1.57 -28.31 33.30
CA ARG A 689 0.27 -28.95 33.53
C ARG A 689 -0.17 -29.88 32.39
N MET A 690 0.11 -29.52 31.13
CA MET A 690 -0.41 -30.18 29.92
C MET A 690 0.61 -30.15 28.76
N ARG A 691 0.46 -31.07 27.81
CA ARG A 691 1.34 -31.08 26.63
C ARG A 691 1.04 -29.94 25.70
N PRO A 692 2.06 -29.44 24.98
CA PRO A 692 1.68 -28.39 24.03
C PRO A 692 0.41 -28.67 23.23
N LEU A 693 0.28 -29.82 22.61
CA LEU A 693 -0.91 -30.02 21.79
C LEU A 693 -2.19 -29.80 22.58
N GLU A 694 -2.26 -30.30 23.80
CA GLU A 694 -3.41 -30.08 24.66
C GLU A 694 -3.60 -28.58 24.99
N ILE A 695 -2.49 -27.83 25.11
CA ILE A 695 -2.50 -26.38 25.35
C ILE A 695 -2.93 -25.58 24.12
N ILE A 696 -2.46 -25.95 22.93
CA ILE A 696 -2.89 -25.31 21.68
C ILE A 696 -4.31 -25.73 21.31
N ASN A 697 -4.75 -26.96 21.62
CA ASN A 697 -6.17 -27.29 21.55
C ASN A 697 -7.00 -26.49 22.58
N GLY A 698 -6.39 -26.17 23.72
CA GLY A 698 -6.93 -25.34 24.80
C GLY A 698 -6.73 -23.84 24.55
N PRO A 699 -6.27 -23.03 25.53
CA PRO A 699 -6.24 -21.57 25.43
C PRO A 699 -5.49 -21.02 24.20
N LEU A 700 -4.45 -21.70 23.73
CA LEU A 700 -3.67 -21.26 22.56
C LEU A 700 -4.37 -21.57 21.21
N LEU A 701 -5.66 -21.93 21.26
CA LEU A 701 -6.68 -21.71 20.23
C LEU A 701 -7.87 -20.98 20.85
N GLU A 702 -8.39 -21.44 21.98
CA GLU A 702 -9.66 -20.99 22.56
C GLU A 702 -9.60 -19.58 23.16
N ALA A 703 -8.62 -19.28 24.01
CA ALA A 703 -8.52 -17.97 24.63
C ALA A 703 -8.16 -16.89 23.60
N MET A 704 -7.31 -17.22 22.65
CA MET A 704 -7.07 -16.29 21.57
C MET A 704 -8.45 -16.08 20.94
N LYS A 705 -9.10 -17.15 20.48
CA LYS A 705 -10.40 -17.01 19.83
C LYS A 705 -11.32 -16.11 20.62
N GLU A 706 -11.36 -16.25 21.94
CA GLU A 706 -12.14 -15.34 22.79
C GLU A 706 -11.64 -13.90 22.66
N VAL A 707 -10.33 -13.68 22.65
CA VAL A 707 -9.80 -12.35 22.35
C VAL A 707 -10.26 -11.86 20.99
N GLY A 708 -10.28 -12.72 19.98
CA GLY A 708 -10.81 -12.40 18.66
C GLY A 708 -12.30 -12.05 18.68
N GLU A 709 -13.11 -12.76 19.47
CA GLU A 709 -14.54 -12.48 19.63
C GLU A 709 -14.76 -11.11 20.27
N LEU A 710 -14.00 -10.82 21.33
CA LEU A 710 -14.03 -9.54 22.05
C LEU A 710 -13.52 -8.40 21.15
N PHE A 711 -12.49 -8.65 20.36
CA PHE A 711 -11.95 -7.73 19.37
C PHE A 711 -12.99 -7.40 18.30
N GLY A 712 -13.69 -8.40 17.76
CA GLY A 712 -14.79 -8.18 16.81
C GLY A 712 -15.97 -7.40 17.42
N ALA A 713 -16.26 -7.61 18.70
CA ALA A 713 -17.23 -6.82 19.48
C ALA A 713 -16.72 -5.42 19.86
N GLY A 714 -15.43 -5.12 19.64
CA GLY A 714 -14.88 -3.78 19.87
C GLY A 714 -14.29 -3.54 21.27
N LYS A 715 -14.04 -4.59 22.05
CA LYS A 715 -13.57 -4.56 23.46
C LYS A 715 -12.03 -4.46 23.61
N MET A 716 -11.35 -4.14 22.52
CA MET A 716 -9.91 -4.14 22.25
C MET A 716 -9.64 -3.20 21.07
N GLN A 717 -8.37 -2.90 20.77
CA GLN A 717 -7.89 -2.06 19.66
C GLN A 717 -6.55 -2.60 19.12
N LEU A 718 -6.12 -2.16 17.94
CA LEU A 718 -4.98 -2.73 17.19
C LEU A 718 -3.75 -3.10 18.04
N PRO A 719 -3.11 -2.22 18.83
CA PRO A 719 -1.86 -2.55 19.52
C PRO A 719 -2.04 -3.69 20.50
N PHE A 720 -3.22 -3.84 21.07
CA PHE A 720 -3.55 -4.95 21.94
C PHE A 720 -3.70 -6.25 21.15
N VAL A 721 -4.30 -6.21 19.95
CA VAL A 721 -4.31 -7.36 19.04
C VAL A 721 -2.88 -7.68 18.53
N LEU A 722 -2.03 -6.68 18.34
CA LEU A 722 -0.62 -6.88 18.01
C LEU A 722 0.14 -7.49 19.21
N GLN A 723 -0.20 -7.10 20.44
CA GLN A 723 0.28 -7.78 21.63
C GLN A 723 -0.23 -9.22 21.68
N ALA A 724 -1.46 -9.50 21.27
CA ALA A 724 -1.95 -10.86 21.14
C ALA A 724 -1.19 -11.68 20.08
N ALA A 725 -0.96 -11.08 18.92
CA ALA A 725 -0.19 -11.76 17.89
C ALA A 725 1.20 -12.04 18.43
N GLU A 726 1.88 -11.04 19.00
CA GLU A 726 3.22 -11.19 19.56
C GLU A 726 3.27 -12.24 20.66
N VAL A 727 2.21 -12.36 21.47
CA VAL A 727 2.05 -13.41 22.47
C VAL A 727 2.00 -14.78 21.79
N MET A 728 1.16 -14.95 20.78
CA MET A 728 1.13 -16.19 20.03
C MET A 728 2.48 -16.47 19.43
N LYS A 729 2.97 -15.54 18.61
CA LYS A 729 4.26 -15.71 17.96
C LYS A 729 5.32 -16.19 18.93
N GLN A 730 5.40 -15.54 20.09
CA GLN A 730 6.33 -16.01 21.11
C GLN A 730 5.99 -17.39 21.63
N ALA A 731 4.73 -17.64 21.93
CA ALA A 731 4.29 -18.90 22.50
C ALA A 731 4.56 -20.10 21.58
N VAL A 732 4.28 -20.01 20.28
CA VAL A 732 4.58 -21.08 19.31
C VAL A 732 6.06 -21.46 19.32
N ALA A 733 6.97 -20.49 19.49
CA ALA A 733 8.40 -20.74 19.61
C ALA A 733 8.81 -21.46 20.91
N TYR A 734 7.98 -21.41 21.96
CA TYR A 734 8.17 -22.17 23.20
C TYR A 734 7.47 -23.54 23.17
N LEU A 735 6.40 -23.67 22.39
CA LEU A 735 5.60 -24.90 22.26
C LEU A 735 6.24 -25.88 21.26
N GLU A 736 6.74 -25.39 20.13
CA GLU A 736 7.35 -26.19 19.06
C GLU A 736 8.55 -27.06 19.52
N PRO A 737 9.51 -26.58 20.33
CA PRO A 737 10.68 -27.37 20.71
C PRO A 737 10.34 -28.56 21.62
N HIS A 738 9.32 -28.43 22.47
CA HIS A 738 8.81 -29.52 23.33
C HIS A 738 7.93 -30.48 22.53
N MET A 739 7.17 -29.97 21.56
CA MET A 739 6.45 -30.74 20.52
C MET A 739 7.38 -31.17 19.36
N GLU A 740 8.57 -31.69 19.70
CA GLU A 740 9.67 -31.91 18.76
C GLU A 740 9.33 -32.88 17.62
N LYS A 741 9.91 -32.62 16.44
CA LYS A 741 9.65 -33.36 15.20
C LYS A 741 10.22 -34.79 15.17
N LYS A 742 9.77 -35.59 14.20
CA LYS A 742 10.26 -36.94 13.94
C LYS A 742 10.16 -37.33 12.45
N GLY A 743 10.95 -38.33 12.04
CA GLY A 743 11.03 -38.83 10.66
C GLY A 743 11.86 -37.97 9.71
N GLU A 744 12.16 -38.51 8.52
CA GLU A 744 13.00 -37.86 7.49
C GLU A 744 12.56 -38.22 6.06
N GLY A 745 12.82 -37.33 5.11
CA GLY A 745 12.66 -37.60 3.67
C GLY A 745 11.22 -37.90 3.21
N LYS A 746 10.20 -37.52 3.98
CA LYS A 746 8.79 -37.92 3.75
C LYS A 746 8.18 -37.36 2.45
N GLY A 747 8.70 -36.23 1.98
CA GLY A 747 8.31 -35.52 0.75
C GLY A 747 8.82 -34.09 0.73
N LYS A 748 8.49 -33.33 -0.32
CA LYS A 748 8.82 -31.90 -0.48
C LYS A 748 7.57 -31.02 -0.41
N LEU A 749 7.50 -30.15 0.60
CA LEU A 749 6.31 -29.34 0.83
C LEU A 749 6.62 -27.90 1.15
N VAL A 750 6.00 -26.98 0.46
CA VAL A 750 6.25 -25.56 0.60
C VAL A 750 4.93 -25.00 1.07
N LEU A 751 4.92 -23.79 1.63
CA LEU A 751 3.71 -23.21 2.17
C LEU A 751 3.60 -21.80 1.64
N ALA A 752 2.40 -21.25 1.54
CA ALA A 752 2.27 -19.93 0.93
C ALA A 752 1.02 -19.16 1.35
N THR A 753 1.19 -17.89 1.70
CA THR A 753 0.10 -17.07 2.17
C THR A 753 -0.52 -16.45 0.98
N VAL A 754 -1.28 -15.39 1.15
CA VAL A 754 -1.83 -14.81 -0.08
C VAL A 754 -1.82 -13.27 -0.11
N LYS A 755 -1.87 -12.70 -1.32
CA LYS A 755 -1.82 -11.25 -1.60
C LYS A 755 -2.87 -10.47 -0.80
N GLY A 756 -2.47 -9.32 -0.26
CA GLY A 756 -3.31 -8.47 0.59
C GLY A 756 -3.39 -8.90 2.07
N ASP A 757 -2.90 -10.09 2.42
CA ASP A 757 -2.90 -10.61 3.80
C ASP A 757 -1.81 -10.05 4.66
N VAL A 758 -2.02 -9.84 5.97
CA VAL A 758 -0.90 -9.49 6.87
C VAL A 758 -0.76 -10.55 7.92
N HIS A 759 -1.73 -11.43 8.01
CA HIS A 759 -1.70 -12.39 9.08
C HIS A 759 -0.96 -13.64 8.65
N ASP A 760 -0.32 -14.31 9.59
CA ASP A 760 0.32 -15.56 9.28
C ASP A 760 0.31 -16.34 10.58
N ILE A 761 -0.67 -16.07 11.46
CA ILE A 761 -0.78 -16.79 12.70
C ILE A 761 -1.21 -18.16 12.26
N GLY A 762 -2.45 -18.28 11.80
CA GLY A 762 -2.91 -19.53 11.27
C GLY A 762 -1.78 -20.11 10.48
N LYS A 763 -1.33 -19.40 9.44
CA LYS A 763 -0.29 -19.93 8.57
C LYS A 763 0.75 -20.75 9.33
N ASN A 764 1.42 -20.13 10.30
CA ASN A 764 2.47 -20.83 11.04
C ASN A 764 1.98 -22.21 11.52
N LEU A 765 0.88 -22.29 12.19
CA LEU A 765 0.49 -23.61 12.65
C LEU A 765 -0.03 -24.47 11.47
N VAL A 766 -0.68 -23.85 10.48
CA VAL A 766 -1.12 -24.62 9.30
C VAL A 766 0.08 -25.38 8.79
N ASP A 767 1.23 -24.72 8.74
CA ASP A 767 2.48 -25.35 8.36
C ASP A 767 2.93 -26.38 9.40
N ILE A 768 2.90 -26.02 10.69
CA ILE A 768 3.82 -26.61 11.67
C ILE A 768 3.69 -28.12 11.83
N ILE A 769 2.47 -28.65 11.92
CA ILE A 769 2.26 -30.09 12.09
C ILE A 769 2.75 -30.88 10.86
N LEU A 770 2.87 -30.22 9.71
CA LEU A 770 3.48 -30.78 8.50
C LEU A 770 5.02 -30.73 8.60
N THR A 771 5.57 -29.61 9.08
CA THR A 771 7.01 -29.46 9.34
C THR A 771 7.54 -30.45 10.40
N ASN A 772 6.70 -30.84 11.35
CA ASN A 772 7.04 -31.77 12.44
C ASN A 772 7.18 -33.25 12.01
N ASN A 773 6.81 -33.63 10.79
CA ASN A 773 6.67 -35.03 10.36
C ASN A 773 7.56 -35.41 9.15
N GLY A 774 8.80 -34.91 9.13
CA GLY A 774 9.87 -35.40 8.25
C GLY A 774 9.82 -34.94 6.79
N TYR A 775 8.97 -34.00 6.44
CA TYR A 775 8.99 -33.52 5.07
C TYR A 775 9.93 -32.32 4.92
N THR A 776 10.66 -32.25 3.82
CA THR A 776 11.52 -31.11 3.45
C THR A 776 10.63 -29.91 3.14
N VAL A 777 10.92 -28.77 3.76
CA VAL A 777 10.02 -27.62 3.59
C VAL A 777 10.59 -26.25 3.29
N TYR A 778 9.88 -25.51 2.46
CA TYR A 778 10.21 -24.13 2.12
C TYR A 778 9.02 -23.22 2.50
N ASN A 779 9.27 -22.09 3.15
CA ASN A 779 8.22 -21.18 3.61
C ASN A 779 8.21 -19.85 2.85
N LEU A 780 7.04 -19.52 2.28
CA LEU A 780 6.77 -18.27 1.57
C LEU A 780 6.07 -17.28 2.52
N GLY A 781 6.45 -15.99 2.41
CA GLY A 781 6.16 -14.92 3.37
C GLY A 781 4.72 -14.43 3.44
N ILE A 782 4.47 -13.44 4.30
CA ILE A 782 3.14 -13.06 4.82
C ILE A 782 2.16 -12.56 3.75
N LYS A 783 2.62 -12.15 2.57
CA LYS A 783 1.80 -11.39 1.63
C LYS A 783 2.04 -11.75 0.15
N VAL A 784 2.62 -12.92 -0.10
CA VAL A 784 3.18 -13.35 -1.39
C VAL A 784 2.17 -13.25 -2.55
N PRO A 785 2.38 -12.39 -3.57
CA PRO A 785 1.62 -12.42 -4.82
C PRO A 785 2.04 -13.60 -5.71
N ILE A 786 1.17 -14.01 -6.63
CA ILE A 786 1.16 -15.41 -7.07
C ILE A 786 2.33 -15.85 -7.94
N GLU A 787 2.92 -14.98 -8.75
CA GLU A 787 3.99 -15.42 -9.65
C GLU A 787 5.27 -15.84 -8.91
N GLU A 788 5.49 -15.35 -7.68
CA GLU A 788 6.55 -15.86 -6.80
C GLU A 788 6.23 -17.29 -6.35
N MET A 789 4.97 -17.53 -5.99
CA MET A 789 4.55 -18.87 -5.58
C MET A 789 4.73 -19.85 -6.74
N LEU A 790 4.27 -19.48 -7.93
CA LEU A 790 4.39 -20.33 -9.10
C LEU A 790 5.85 -20.50 -9.54
N LYS A 791 6.71 -19.48 -9.39
CA LYS A 791 8.15 -19.72 -9.57
C LYS A 791 8.68 -20.75 -8.56
N ALA A 792 8.19 -20.77 -7.32
CA ALA A 792 8.56 -21.81 -6.38
C ALA A 792 8.02 -23.20 -6.79
N VAL A 793 6.84 -23.29 -7.41
CA VAL A 793 6.41 -24.54 -8.06
C VAL A 793 7.42 -24.94 -9.14
N ASP A 794 7.71 -24.02 -10.06
CA ASP A 794 8.55 -24.26 -11.21
C ASP A 794 10.00 -24.62 -10.85
N GLU A 795 10.54 -24.04 -9.78
CA GLU A 795 11.91 -24.25 -9.31
C GLU A 795 12.04 -25.47 -8.38
N VAL A 796 11.15 -25.60 -7.39
CA VAL A 796 11.26 -26.63 -6.36
C VAL A 796 10.62 -27.96 -6.81
N LYS A 797 9.58 -27.90 -7.65
CA LYS A 797 8.76 -29.05 -8.11
C LYS A 797 8.34 -29.96 -6.95
N PRO A 798 7.64 -29.41 -5.93
CA PRO A 798 7.32 -30.12 -4.69
C PRO A 798 6.26 -31.22 -4.90
N HIS A 799 5.99 -32.00 -3.85
CA HIS A 799 4.84 -32.90 -3.76
C HIS A 799 3.58 -32.20 -3.24
N ALA A 800 3.72 -31.08 -2.51
CA ALA A 800 2.60 -30.25 -2.05
C ALA A 800 2.96 -28.77 -1.87
N LEU A 801 1.98 -27.90 -2.08
CA LEU A 801 2.07 -26.45 -1.87
C LEU A 801 0.94 -25.93 -0.98
N GLY A 802 1.24 -25.33 0.17
CA GLY A 802 0.22 -24.63 0.98
C GLY A 802 -0.32 -23.35 0.31
N MET A 803 -1.62 -23.07 0.47
CA MET A 803 -2.18 -21.79 0.05
C MET A 803 -2.71 -21.31 1.42
N SER A 804 -3.14 -20.06 1.61
CA SER A 804 -3.72 -19.70 2.96
C SER A 804 -4.33 -18.31 3.19
N GLY A 805 -5.03 -18.15 4.33
CA GLY A 805 -5.65 -16.87 4.66
C GLY A 805 -6.32 -16.81 6.02
N LEU A 806 -6.28 -15.68 6.73
CA LEU A 806 -6.93 -15.47 8.02
C LEU A 806 -8.03 -14.41 7.97
N LEU A 807 -8.38 -13.95 6.76
CA LEU A 807 -9.39 -12.93 6.62
C LEU A 807 -10.23 -13.09 5.39
N VAL A 808 -11.41 -12.46 5.36
CA VAL A 808 -12.32 -12.64 4.26
C VAL A 808 -11.69 -12.52 2.89
N LYS A 809 -10.98 -11.43 2.59
CA LYS A 809 -10.44 -11.21 1.22
C LYS A 809 -9.45 -12.22 0.76
N SER A 810 -9.08 -13.16 1.59
CA SER A 810 -8.24 -14.26 1.12
C SER A 810 -9.11 -15.14 0.21
N THR A 811 -10.37 -15.37 0.59
CA THR A 811 -11.28 -16.20 -0.22
C THR A 811 -11.32 -15.71 -1.67
N GLN A 812 -11.50 -14.40 -1.88
CA GLN A 812 -11.57 -13.79 -3.22
C GLN A 812 -10.27 -14.05 -4.00
N VAL A 813 -9.14 -13.92 -3.32
CA VAL A 813 -7.82 -14.29 -3.85
C VAL A 813 -7.66 -15.80 -4.12
N MET A 814 -8.31 -16.66 -3.34
CA MET A 814 -8.23 -18.11 -3.62
C MET A 814 -8.78 -18.43 -5.01
N LYS A 815 -9.91 -17.85 -5.36
CA LYS A 815 -10.53 -18.05 -6.68
C LYS A 815 -9.63 -17.49 -7.80
N GLU A 816 -9.04 -16.31 -7.60
CA GLU A 816 -8.05 -15.75 -8.52
C GLU A 816 -6.84 -16.65 -8.75
N ASN A 817 -6.28 -17.29 -7.72
CA ASN A 817 -5.29 -18.34 -7.92
C ASN A 817 -5.85 -19.51 -8.73
N LEU A 818 -6.89 -20.16 -8.22
CA LEU A 818 -7.39 -21.39 -8.85
C LEU A 818 -7.85 -21.28 -10.29
N GLU A 819 -8.49 -20.17 -10.64
CA GLU A 819 -8.90 -19.99 -12.03
C GLU A 819 -7.72 -19.88 -13.00
N TYR A 820 -6.63 -19.25 -12.53
CA TYR A 820 -5.49 -19.05 -13.45
C TYR A 820 -4.54 -20.24 -13.37
N MET A 821 -4.18 -20.71 -12.18
CA MET A 821 -3.42 -21.97 -12.13
C MET A 821 -3.95 -23.02 -13.13
N ARG A 822 -5.27 -23.07 -13.36
CA ARG A 822 -5.90 -23.95 -14.35
C ARG A 822 -5.63 -23.46 -15.77
N ALA A 823 -5.72 -22.15 -16.02
CA ALA A 823 -5.38 -21.57 -17.32
C ALA A 823 -3.89 -21.76 -17.71
N ARG A 824 -3.05 -22.07 -16.73
CA ARG A 824 -1.63 -22.36 -16.99
C ARG A 824 -1.38 -23.86 -17.13
N GLY A 825 -2.40 -24.67 -16.88
CA GLY A 825 -2.31 -26.13 -16.94
C GLY A 825 -1.54 -26.78 -15.79
N TYR A 826 -1.55 -26.20 -14.59
CA TYR A 826 -0.95 -26.84 -13.41
C TYR A 826 -1.83 -27.97 -12.84
N THR A 827 -1.18 -28.97 -12.23
CA THR A 827 -1.82 -30.16 -11.62
C THR A 827 -1.25 -30.50 -10.23
N LEU A 828 -0.41 -29.63 -9.67
CA LEU A 828 0.22 -29.80 -8.37
C LEU A 828 -0.84 -29.77 -7.24
N PRO A 829 -0.68 -30.57 -6.17
CA PRO A 829 -1.48 -30.43 -4.96
C PRO A 829 -1.22 -29.08 -4.31
N VAL A 830 -2.27 -28.26 -4.25
CA VAL A 830 -2.21 -27.01 -3.50
C VAL A 830 -3.34 -27.15 -2.44
N ILE A 831 -3.04 -26.97 -1.16
CA ILE A 831 -4.03 -27.19 -0.07
C ILE A 831 -4.64 -25.77 0.30
N LEU A 832 -5.94 -25.68 0.68
CA LEU A 832 -6.67 -24.36 0.88
C LEU A 832 -7.40 -24.10 2.22
N GLY A 833 -7.11 -23.02 2.97
CA GLY A 833 -7.69 -22.84 4.31
C GLY A 833 -7.71 -21.45 4.87
N GLY A 834 -8.14 -21.30 6.12
CA GLY A 834 -8.31 -19.99 6.67
C GLY A 834 -9.44 -19.84 7.65
N ALA A 835 -9.26 -18.95 8.61
CA ALA A 835 -10.30 -18.69 9.58
C ALA A 835 -11.59 -18.47 8.85
N ALA A 836 -11.52 -17.69 7.79
CA ALA A 836 -12.71 -17.38 7.04
C ALA A 836 -13.15 -18.54 6.17
N LEU A 837 -12.23 -19.29 5.59
CA LEU A 837 -12.61 -20.31 4.60
C LEU A 837 -13.76 -21.17 5.03
N THR A 838 -14.73 -21.34 4.11
CA THR A 838 -15.95 -22.08 4.43
C THR A 838 -16.45 -22.91 3.26
N ARG A 839 -16.88 -24.16 3.45
CA ARG A 839 -17.24 -25.04 2.32
C ARG A 839 -18.20 -24.45 1.27
N ALA A 840 -18.99 -23.47 1.66
CA ALA A 840 -19.93 -22.80 0.77
C ALA A 840 -19.39 -21.98 -0.35
N TYR A 841 -18.21 -21.44 -0.19
CA TYR A 841 -17.61 -20.75 -1.31
C TYR A 841 -16.30 -21.44 -1.56
N VAL A 842 -16.28 -22.73 -1.23
CA VAL A 842 -15.08 -23.52 -1.51
C VAL A 842 -15.35 -24.84 -2.23
N GLU A 843 -16.41 -25.57 -1.90
CA GLU A 843 -16.60 -26.82 -2.60
C GLU A 843 -16.92 -26.52 -4.03
N GLU A 844 -17.69 -25.48 -4.30
CA GLU A 844 -17.90 -25.12 -5.70
C GLU A 844 -16.60 -24.99 -6.49
N LEU A 845 -15.51 -24.54 -5.86
CA LEU A 845 -14.17 -24.43 -6.53
C LEU A 845 -13.61 -25.76 -7.01
N ARG A 846 -13.95 -26.88 -6.38
CA ARG A 846 -13.56 -28.21 -6.93
C ARG A 846 -13.77 -28.25 -8.44
N SER A 847 -14.76 -27.52 -8.96
CA SER A 847 -15.00 -27.39 -10.40
C SER A 847 -13.81 -26.74 -11.11
N ILE A 848 -13.26 -25.69 -10.52
CA ILE A 848 -12.18 -24.95 -11.19
C ILE A 848 -10.85 -25.67 -11.07
N TYR A 849 -10.57 -26.34 -9.97
CA TYR A 849 -9.26 -26.98 -9.79
C TYR A 849 -9.37 -28.38 -9.15
N PRO A 850 -8.55 -29.38 -9.54
CA PRO A 850 -8.60 -30.76 -9.03
C PRO A 850 -8.05 -30.98 -7.61
N GLU A 851 -7.91 -29.93 -6.79
CA GLU A 851 -7.26 -29.97 -5.46
C GLU A 851 -7.86 -28.94 -4.49
N VAL A 852 -9.19 -28.81 -4.53
CA VAL A 852 -9.85 -27.91 -3.59
C VAL A 852 -10.02 -28.64 -2.25
N TYR A 853 -9.96 -27.89 -1.12
CA TYR A 853 -10.04 -28.45 0.21
C TYR A 853 -10.28 -27.47 1.28
N TYR A 854 -10.38 -27.95 2.51
CA TYR A 854 -10.26 -27.06 3.67
C TYR A 854 -9.67 -27.83 4.86
N ALA A 855 -8.37 -28.14 4.95
CA ALA A 855 -7.79 -28.76 6.22
C ALA A 855 -8.45 -27.56 6.89
N GLU A 856 -8.93 -27.67 8.12
CA GLU A 856 -9.28 -26.60 9.04
C GLU A 856 -8.14 -26.62 10.02
N ASP A 857 -7.76 -27.74 10.58
CA ASP A 857 -6.72 -27.84 11.59
C ASP A 857 -5.51 -28.55 11.00
N ALA A 858 -4.32 -28.21 11.46
CA ALA A 858 -3.06 -28.71 10.90
C ALA A 858 -2.86 -30.23 11.08
N PHE A 859 -3.58 -30.85 12.03
CA PHE A 859 -3.65 -32.29 12.21
C PHE A 859 -4.42 -32.99 11.08
N GLU A 860 -5.49 -32.39 10.54
CA GLU A 860 -6.04 -32.79 9.23
C GLU A 860 -5.06 -32.43 8.10
N GLY A 861 -4.38 -31.28 8.17
CA GLY A 861 -3.35 -30.93 7.20
C GLY A 861 -2.32 -32.04 7.05
N LEU A 862 -1.88 -32.65 8.14
CA LEU A 862 -0.97 -33.80 8.11
C LEU A 862 -1.62 -35.08 7.54
N ALA A 863 -2.84 -35.41 7.96
CA ALA A 863 -3.58 -36.54 7.42
C ALA A 863 -3.81 -36.41 5.90
N LEU A 864 -3.99 -35.19 5.40
CA LEU A 864 -4.17 -34.85 3.99
C LEU A 864 -2.84 -34.87 3.23
N MET A 865 -1.76 -34.38 3.82
CA MET A 865 -0.41 -34.60 3.27
C MET A 865 -0.13 -36.08 3.06
N GLU A 866 -0.39 -36.93 4.05
CA GLU A 866 -0.17 -38.37 3.90
C GLU A 866 -1.05 -39.03 2.82
N GLU A 867 -2.29 -38.55 2.61
CA GLU A 867 -3.11 -38.96 1.47
C GLU A 867 -2.48 -38.57 0.13
N LEU A 868 -2.11 -37.30 -0.06
CA LEU A 868 -1.58 -36.83 -1.34
C LEU A 868 -0.13 -37.31 -1.57
N THR A 869 0.56 -37.73 -0.51
CA THR A 869 1.85 -38.46 -0.55
C THR A 869 1.69 -39.95 -0.86
N GLY A 870 0.48 -40.52 -0.70
CA GLY A 870 0.21 -41.96 -0.88
C GLY A 870 0.53 -42.84 0.33
N HIS A 871 0.84 -42.24 1.49
CA HIS A 871 1.08 -42.95 2.75
C HIS A 871 -0.22 -43.42 3.45
N ARG A 872 -1.27 -42.63 3.23
CA ARG A 872 -2.53 -42.88 3.89
C ARG A 872 -3.65 -43.11 2.90
N PRO A 873 -4.83 -43.51 3.40
CA PRO A 873 -5.94 -43.80 2.50
C PRO A 873 -6.54 -42.55 1.89
N LYS A 874 -6.21 -42.27 0.63
CA LYS A 874 -6.82 -41.14 -0.05
C LYS A 874 -8.31 -41.33 0.03
N ASP A 875 -9.01 -40.37 0.61
CA ASP A 875 -10.45 -40.44 0.61
C ASP A 875 -10.95 -39.16 0.04
N LEU A 876 -10.08 -38.15 -0.10
CA LEU A 876 -10.50 -36.85 -0.59
C LEU A 876 -11.28 -37.02 -1.89
N THR A 877 -12.53 -36.59 -1.89
CA THR A 877 -13.38 -36.71 -3.06
C THR A 877 -14.38 -35.57 -3.11
ZN ZN B . 10.39 -0.78 -23.20
CO B12 C . -7.07 -9.18 12.09
N21 B12 C . -8.93 -9.30 11.62
N22 B12 C . -6.91 -7.60 10.85
N23 B12 C . -5.20 -8.92 12.78
N24 B12 C . -7.30 -10.67 13.26
C1 B12 C . -9.37 -10.56 11.98
C20 B12 C . -8.90 -11.70 10.92
C2 B12 C . -10.95 -10.34 11.73
C25 B12 C . -11.61 -11.74 11.33
C26 B12 C . -11.64 -9.96 13.04
C27 B12 C . -12.82 -9.20 13.04
O28 B12 C . -12.78 -7.96 12.67
N29 B12 C . -13.79 -9.86 13.44
C3 B12 C . -11.03 -9.14 10.84
C30 B12 C . -11.32 -9.38 9.40
C31 B12 C . -12.79 -9.43 9.12
C32 B12 C . -13.09 -9.37 7.59
O34 B12 C . -12.35 -8.72 6.75
N33 B12 C . -14.10 -9.99 7.30
C4 B12 C . -9.65 -8.46 11.08
C5 B12 C . -9.30 -7.29 10.54
C35 B12 C . -10.55 -6.34 10.61
C6 B12 C . -7.98 -6.97 10.42
C7 B12 C . -7.30 -5.74 9.81
C36 B12 C . -8.26 -5.32 8.67
C37 B12 C . -7.25 -4.66 10.98
C38 B12 C . -6.48 -3.29 10.64
O39 B12 C . -7.37 -2.37 10.59
N40 B12 C . -5.20 -3.31 10.43
C8 B12 C . -5.90 -6.19 9.42
C41 B12 C . -5.66 -6.76 8.11
C42 B12 C . -4.40 -6.25 7.61
C43 B12 C . -4.06 -6.98 6.34
O44 B12 C . -4.39 -8.16 6.19
N45 B12 C . -3.41 -6.38 5.48
C9 B12 C . -5.69 -7.14 10.48
C10 B12 C . -4.49 -7.37 11.05
C11 B12 C . -4.30 -8.15 12.15
C12 B12 C . -2.95 -8.31 12.94
C46 B12 C . -3.07 -7.43 14.19
C47 B12 C . -1.62 -7.85 12.17
C13 B12 C . -3.09 -9.71 13.38
C48 B12 C . -2.55 -10.76 12.49
C49 B12 C . -1.08 -11.00 12.69
C50 B12 C . -0.76 -12.23 12.30
O51 B12 C . -1.55 -13.20 12.42
N52 B12 C . 0.32 -12.31 11.79
C14 B12 C . -4.62 -9.80 13.59
C15 B12 C . -5.19 -10.81 14.31
C53 B12 C . -4.23 -11.58 15.46
C16 B12 C . -6.52 -11.14 14.13
C17 B12 C . -7.44 -12.14 14.88
C54 B12 C . -7.66 -11.63 16.33
C55 B12 C . -6.84 -13.49 15.19
C56 B12 C . -6.44 -14.31 14.02
C57 B12 C . -5.88 -15.71 14.42
O58 B12 C . -4.63 -15.72 14.54
N59 B12 C . -6.67 -16.80 14.42
C18 B12 C . -8.61 -12.22 13.95
C60 B12 C . -9.85 -12.60 14.63
C61 B12 C . -10.42 -13.92 14.24
O63 B12 C . -9.62 -14.87 14.26
N62 B12 C . -11.62 -14.03 13.95
C19 B12 C . -8.71 -10.92 13.23
C1P B12 C . -6.13 -18.04 14.92
C2P B12 C . -5.47 -18.97 13.88
C3P B12 C . -4.74 -20.05 14.68
O3 B12 C . -6.67 -19.53 13.35
O4 B12 C . -6.40 -18.25 11.10
O5 B12 C . -8.55 -19.62 11.56
P B12 C . -7.03 -19.46 11.80
O2 B12 C . -6.25 -20.82 11.46
C3R B12 C . -7.06 -22.26 11.53
C2R B12 C . -7.85 -22.61 10.24
O7R B12 C . -8.27 -21.30 9.82
C1R B12 C . -6.83 -23.34 9.32
O6R B12 C . -5.87 -23.83 10.36
C4R B12 C . -6.00 -23.33 11.70
C5R B12 C . -6.41 -24.37 12.55
O8R B12 C . -5.34 -24.98 12.80
N1B B12 C . -6.12 -22.64 8.19
C8B B12 C . -5.87 -23.29 6.99
C2B B12 C . -5.84 -21.34 7.98
N3B B12 C . -5.22 -21.09 6.82
C9B B12 C . -5.28 -22.27 6.14
C4B B12 C . -4.86 -22.58 4.77
C5B B12 C . -5.06 -23.94 4.26
C5M B12 C . -4.59 -24.22 2.97
C6B B12 C . -5.69 -24.97 5.09
C6M B12 C . -6.23 -26.33 4.47
C7B B12 C . -6.10 -24.65 6.48
#